data_5DYL
#
_entry.id   5DYL
#
_cell.length_a   192.471
_cell.length_b   117.773
_cell.length_c   67.682
_cell.angle_alpha   90.000
_cell.angle_beta   94.660
_cell.angle_gamma   90.000
#
_symmetry.space_group_name_H-M   'C 1 2 1'
#
loop_
_entity.id
_entity.type
_entity.pdbx_description
1 polymer 'cGMP-dependent protein kinase, putative'
2 water water
#
_entity_poly.entity_id   1
_entity_poly.type   'polypeptide(L)'
_entity_poly.pdbx_seq_one_letter_code
;GMRCNERNKKKAIFSNDDFSGEDTLMEDHLQLREKLSEDIEMIKASLKNNLVCSTLNDNEILTLSNYMQFFVFKGGDLVI
KQGEKGSYFFIINSGKFDVYVNDKKVKSMGKGSSFGEAALIHNTQRSATIMAETDGTLWGVQRSTFRATLKQLSNRNFNE
NRSFIDSVSVFDMLTEAQKNMITNACVIQMFKPGETIVKQGDYGDVLFILKEGKATVFINDKEIRVLNKGSYFGERALLY
DEPRSATIIAKEPTACASICRKLLNIVLGNLQVVLFRNIMTEALQQSEIFRQFSAEQLNDLADTAIVRDYPANYHILHKD
KVKSVKYLIVLEGKVELFLDDESIGILTRGKSFGDQYVLNQKQKFRHTVKSLDVCKIALITESCLADCLGDNNIDASIDH
NNKKSIIKKMYIFRYLSEQQCNLLIEAFRTTRYEEGDYIIQEGEVGSRFYIIKNGEVEVTKNGKRLRTLGKNDYFGERAL
LYDEPRTASIISKATSVECWFVDKSVFLQIIQGPMLTHLEERIKMQDTKVEMHELETERIIGRGTFGTVKLVHHKPTQIR
YALKCVSKRSIISLNQQNNIKLEREITAENDHPFIIRLVRTFKDSNCFYFLTELVTGGELYDAIRKLGLLSKPQAQFYLG
SIILAIEYLHERNIVYRDLKPENILLDKQGYVKLIDFGCAKKIQGRAYTLVGTPHYMAPEVILGKGYGCTVDIWALGVCL
YEFICGPLPFGNDQEDQLEIFRDILTGQLTFPDYVSDQDSINLMKRLLCRLPQGRIGCSINGFKDIKEHAFFGNFNWDKL
AGRLLEPPLVSKGETYAEDIDIKQIEEEDALNEGEPLDGDDSWDVDF
;
_entity_poly.pdbx_strand_id   A
#
# COMPACT_ATOMS: atom_id res chain seq x y z
N GLY A 1 35.57 -57.39 19.65
CA GLY A 1 35.09 -56.26 18.81
C GLY A 1 33.58 -56.25 18.63
N MET A 2 32.89 -55.55 19.52
CA MET A 2 31.42 -55.42 19.46
C MET A 2 31.01 -54.52 18.31
N ARG A 3 29.73 -54.63 17.94
CA ARG A 3 29.15 -53.83 16.87
C ARG A 3 28.12 -52.87 17.43
N CYS A 4 27.72 -51.90 16.62
CA CYS A 4 26.66 -50.97 16.97
C CYS A 4 25.31 -51.67 16.80
N ASN A 5 24.53 -51.73 17.87
CA ASN A 5 23.18 -52.33 17.84
C ASN A 5 22.09 -51.27 17.88
N GLU A 6 22.15 -50.33 16.95
CA GLU A 6 21.17 -49.25 16.84
C GLU A 6 19.88 -49.78 16.24
N LYS A 9 19.24 -46.88 14.06
CA LYS A 9 19.92 -47.22 12.81
C LYS A 9 20.35 -45.98 12.02
N LYS A 10 21.11 -46.22 10.96
CA LYS A 10 21.75 -45.16 10.15
C LYS A 10 20.99 -44.92 8.85
N LYS A 11 20.55 -43.69 8.64
CA LYS A 11 19.69 -43.34 7.51
C LYS A 11 20.49 -43.14 6.22
N ALA A 12 19.87 -43.48 5.09
CA ALA A 12 20.49 -43.36 3.77
C ALA A 12 20.10 -42.04 3.11
N ILE A 13 20.76 -41.75 2.00
CA ILE A 13 20.56 -40.52 1.22
C ILE A 13 19.92 -40.84 -0.12
N PHE A 14 19.07 -39.95 -0.61
CA PHE A 14 18.45 -40.09 -1.92
C PHE A 14 18.01 -38.72 -2.47
N GLY A 21 15.18 -30.43 -15.96
CA GLY A 21 15.24 -31.24 -17.18
C GLY A 21 16.06 -30.58 -18.28
N GLU A 22 15.76 -29.30 -18.53
CA GLU A 22 16.48 -28.49 -19.52
C GLU A 22 17.86 -28.07 -19.03
N ASP A 23 17.97 -27.75 -17.74
CA ASP A 23 19.24 -27.39 -17.08
C ASP A 23 20.30 -28.51 -17.11
N THR A 24 19.85 -29.77 -17.19
CA THR A 24 20.74 -30.93 -17.29
C THR A 24 21.44 -31.04 -18.65
N LEU A 25 20.73 -30.71 -19.72
CA LEU A 25 21.24 -30.81 -21.08
C LEU A 25 22.24 -29.70 -21.41
N MET A 26 21.92 -28.47 -21.01
CA MET A 26 22.82 -27.32 -21.23
C MET A 26 24.12 -27.41 -20.43
N GLU A 27 24.08 -28.14 -19.33
CA GLU A 27 25.29 -28.50 -18.58
C GLU A 27 26.30 -29.29 -19.45
N ASP A 28 25.81 -30.13 -20.36
CA ASP A 28 26.68 -30.88 -21.28
C ASP A 28 27.42 -30.00 -22.30
N HIS A 29 26.84 -28.85 -22.64
CA HIS A 29 27.39 -27.95 -23.66
C HIS A 29 28.17 -26.75 -23.10
N LEU A 30 28.06 -26.50 -21.80
CA LEU A 30 28.70 -25.36 -21.13
C LEU A 30 30.23 -25.43 -21.18
N GLN A 31 30.87 -24.32 -21.56
CA GLN A 31 32.34 -24.20 -21.55
C GLN A 31 32.76 -22.79 -21.15
N LEU A 32 33.95 -22.67 -20.59
CA LEU A 32 34.52 -21.36 -20.26
C LEU A 32 34.95 -20.66 -21.54
N ARG A 33 34.82 -19.33 -21.54
CA ARG A 33 35.09 -18.51 -22.71
C ARG A 33 35.18 -17.05 -22.28
N GLU A 34 36.37 -16.46 -22.42
CA GLU A 34 36.60 -15.05 -22.13
C GLU A 34 35.86 -14.19 -23.17
N LYS A 35 35.08 -13.22 -22.70
CA LYS A 35 34.29 -12.35 -23.58
C LYS A 35 35.14 -11.21 -24.10
N LEU A 36 35.17 -11.06 -25.43
CA LEU A 36 35.90 -9.99 -26.10
C LEU A 36 35.00 -8.77 -26.28
N SER A 37 35.51 -7.73 -26.93
CA SER A 37 34.71 -6.57 -27.30
C SER A 37 33.57 -6.93 -28.24
N GLU A 38 33.87 -7.76 -29.24
CA GLU A 38 32.90 -8.19 -30.26
C GLU A 38 31.71 -8.97 -29.66
N ASP A 39 32.00 -9.79 -28.65
CA ASP A 39 30.98 -10.56 -27.94
C ASP A 39 30.05 -9.65 -27.15
N ILE A 40 30.64 -8.78 -26.32
CA ILE A 40 29.90 -7.85 -25.47
C ILE A 40 28.97 -6.93 -26.29
N GLU A 41 29.47 -6.44 -27.42
CA GLU A 41 28.69 -5.56 -28.31
C GLU A 41 27.52 -6.28 -28.98
N MET A 42 27.70 -7.56 -29.31
CA MET A 42 26.61 -8.40 -29.80
C MET A 42 25.54 -8.60 -28.73
N ILE A 43 25.97 -8.97 -27.51
CA ILE A 43 25.05 -9.19 -26.39
C ILE A 43 24.29 -7.89 -26.14
N LYS A 44 25.05 -6.81 -25.92
CA LYS A 44 24.49 -5.49 -25.70
C LYS A 44 23.44 -5.12 -26.77
N ALA A 45 23.79 -5.37 -28.04
CA ALA A 45 22.88 -5.09 -29.17
C ALA A 45 21.59 -5.93 -29.09
N SER A 46 21.77 -7.23 -28.84
CA SER A 46 20.65 -8.17 -28.79
C SER A 46 19.69 -7.92 -27.62
N LEU A 47 20.24 -7.59 -26.45
CA LEU A 47 19.43 -7.29 -25.26
C LEU A 47 18.67 -5.96 -25.35
N LYS A 48 19.26 -4.94 -26.00
CA LYS A 48 18.55 -3.68 -26.25
C LYS A 48 17.23 -3.87 -27.02
N ASN A 49 17.16 -4.89 -27.87
CA ASN A 49 15.92 -5.24 -28.59
C ASN A 49 14.96 -6.14 -27.80
N ASN A 50 15.45 -6.77 -26.74
CA ASN A 50 14.64 -7.68 -25.91
C ASN A 50 13.55 -6.95 -25.12
N LEU A 51 12.41 -7.64 -24.97
CA LEU A 51 11.19 -7.09 -24.35
C LEU A 51 11.40 -6.47 -22.96
N VAL A 52 12.07 -7.20 -22.08
CA VAL A 52 12.35 -6.72 -20.71
C VAL A 52 13.56 -5.77 -20.64
N CYS A 53 14.60 -6.05 -21.41
CA CYS A 53 15.89 -5.33 -21.29
C CYS A 53 16.01 -4.01 -22.05
N SER A 54 15.03 -3.67 -22.89
CA SER A 54 15.12 -2.47 -23.75
C SER A 54 15.17 -1.14 -22.98
N THR A 55 14.53 -1.10 -21.82
CA THR A 55 14.52 0.09 -20.94
C THR A 55 15.77 0.22 -20.06
N LEU A 56 16.58 -0.83 -19.96
CA LEU A 56 17.73 -0.86 -19.06
C LEU A 56 18.88 0.01 -19.57
N ASN A 57 19.56 0.70 -18.66
CA ASN A 57 20.73 1.51 -19.00
C ASN A 57 21.95 0.63 -19.27
N ASP A 58 23.02 1.24 -19.77
CA ASP A 58 24.21 0.50 -20.23
C ASP A 58 24.89 -0.33 -19.14
N ASN A 59 25.02 0.22 -17.93
CA ASN A 59 25.64 -0.49 -16.80
CA ASN A 59 25.64 -0.49 -16.80
C ASN A 59 24.83 -1.72 -16.37
N GLU A 60 23.51 -1.64 -16.47
CA GLU A 60 22.63 -2.77 -16.17
C GLU A 60 22.78 -3.87 -17.21
N ILE A 61 22.74 -3.47 -18.49
CA ILE A 61 22.93 -4.41 -19.63
C ILE A 61 24.35 -5.01 -19.66
N LEU A 62 25.36 -4.20 -19.32
CA LEU A 62 26.75 -4.68 -19.21
C LEU A 62 26.92 -5.71 -18.08
N THR A 63 26.18 -5.54 -16.98
CA THR A 63 26.15 -6.52 -15.87
C THR A 63 25.49 -7.82 -16.32
N LEU A 64 24.33 -7.70 -16.97
CA LEU A 64 23.60 -8.85 -17.52
C LEU A 64 24.42 -9.57 -18.58
N SER A 65 25.10 -8.80 -19.42
CA SER A 65 25.97 -9.34 -20.45
C SER A 65 27.06 -10.25 -19.87
N ASN A 66 27.64 -9.87 -18.74
CA ASN A 66 28.68 -10.67 -18.08
C ASN A 66 28.19 -12.01 -17.53
N TYR A 67 26.93 -12.08 -17.12
CA TYR A 67 26.34 -13.33 -16.59
C TYR A 67 25.95 -14.35 -17.68
N MET A 68 26.00 -13.94 -18.95
CA MET A 68 25.80 -14.87 -20.06
C MET A 68 26.90 -15.94 -20.05
N GLN A 69 26.53 -17.16 -20.46
CA GLN A 69 27.44 -18.31 -20.48
C GLN A 69 27.56 -18.86 -21.91
N PHE A 70 28.74 -19.38 -22.22
CA PHE A 70 29.04 -19.90 -23.56
C PHE A 70 28.63 -21.37 -23.64
N PHE A 71 27.93 -21.74 -24.71
CA PHE A 71 27.49 -23.12 -24.94
C PHE A 71 27.86 -23.56 -26.35
N VAL A 72 28.68 -24.61 -26.45
CA VAL A 72 29.20 -25.12 -27.73
C VAL A 72 28.37 -26.34 -28.18
N PHE A 73 28.03 -26.36 -29.47
CA PHE A 73 27.21 -27.43 -30.06
C PHE A 73 27.83 -27.96 -31.35
N LYS A 74 27.63 -29.25 -31.59
CA LYS A 74 27.95 -29.89 -32.87
C LYS A 74 26.70 -29.92 -33.74
N GLY A 75 26.89 -29.92 -35.07
CA GLY A 75 25.78 -29.98 -36.03
C GLY A 75 24.99 -31.26 -35.83
N GLY A 76 23.69 -31.11 -35.55
CA GLY A 76 22.83 -32.25 -35.23
C GLY A 76 22.43 -32.37 -33.77
N ASP A 77 23.16 -31.70 -32.87
CA ASP A 77 22.85 -31.73 -31.44
C ASP A 77 21.56 -30.97 -31.12
N LEU A 78 20.80 -31.52 -30.17
CA LEU A 78 19.56 -30.89 -29.70
C LEU A 78 19.88 -29.76 -28.75
N VAL A 79 19.17 -28.64 -28.91
CA VAL A 79 19.26 -27.48 -28.02
C VAL A 79 17.99 -27.41 -27.15
N ILE A 80 16.85 -27.25 -27.82
CA ILE A 80 15.55 -27.08 -27.18
C ILE A 80 14.54 -28.06 -27.80
N LYS A 81 13.67 -28.63 -26.97
CA LYS A 81 12.57 -29.50 -27.41
C LYS A 81 11.23 -28.78 -27.28
N GLN A 82 10.19 -29.34 -27.93
CA GLN A 82 8.87 -28.73 -27.97
C GLN A 82 7.95 -29.46 -27.00
N GLY A 83 7.42 -28.73 -26.02
CA GLY A 83 6.61 -29.32 -24.94
C GLY A 83 7.34 -29.46 -23.61
N GLU A 84 8.67 -29.38 -23.63
CA GLU A 84 9.49 -29.38 -22.41
C GLU A 84 9.45 -28.01 -21.74
N LYS A 85 9.56 -27.99 -20.40
CA LYS A 85 9.54 -26.74 -19.63
C LYS A 85 10.76 -25.87 -19.96
N GLY A 86 10.49 -24.60 -20.29
CA GLY A 86 11.51 -23.65 -20.70
C GLY A 86 12.24 -23.03 -19.53
N SER A 87 13.43 -22.51 -19.81
CA SER A 87 14.34 -21.96 -18.78
C SER A 87 15.45 -21.03 -19.32
N TYR A 88 16.03 -21.36 -20.47
CA TYR A 88 17.10 -20.55 -21.07
C TYR A 88 16.61 -19.58 -22.14
N PHE A 89 17.37 -18.49 -22.30
CA PHE A 89 17.25 -17.55 -23.41
C PHE A 89 18.58 -17.53 -24.14
N PHE A 90 18.54 -17.54 -25.47
CA PHE A 90 19.74 -17.73 -26.29
C PHE A 90 19.97 -16.63 -27.32
N ILE A 91 21.25 -16.31 -27.52
CA ILE A 91 21.72 -15.47 -28.61
C ILE A 91 22.74 -16.31 -29.39
N ILE A 92 22.53 -16.48 -30.70
CA ILE A 92 23.44 -17.26 -31.54
C ILE A 92 24.73 -16.47 -31.79
N ASN A 93 25.87 -17.07 -31.44
CA ASN A 93 27.19 -16.45 -31.62
C ASN A 93 27.83 -16.84 -32.96
N SER A 94 27.80 -18.13 -33.28
CA SER A 94 28.29 -18.66 -34.55
C SER A 94 27.44 -19.85 -35.01
N GLY A 95 27.61 -20.22 -36.29
CA GLY A 95 26.87 -21.32 -36.90
C GLY A 95 25.44 -20.95 -37.27
N LYS A 96 24.66 -21.95 -37.67
CA LYS A 96 23.26 -21.79 -38.04
C LYS A 96 22.39 -22.76 -37.24
N PHE A 97 21.18 -22.31 -36.88
CA PHE A 97 20.23 -23.09 -36.07
C PHE A 97 18.85 -23.04 -36.71
N ASP A 98 18.27 -24.22 -36.96
CA ASP A 98 16.96 -24.35 -37.63
C ASP A 98 15.84 -24.60 -36.61
N VAL A 99 14.69 -23.96 -36.85
CA VAL A 99 13.50 -24.07 -35.99
C VAL A 99 12.50 -25.06 -36.61
N TYR A 100 12.17 -26.11 -35.87
CA TYR A 100 11.24 -27.14 -36.32
C TYR A 100 10.02 -27.21 -35.39
N VAL A 101 8.93 -26.55 -35.80
CA VAL A 101 7.65 -26.58 -35.08
C VAL A 101 6.77 -27.72 -35.63
N ASN A 102 6.26 -28.56 -34.72
CA ASN A 102 5.50 -29.78 -35.08
C ASN A 102 6.28 -30.73 -36.00
N ASP A 103 7.58 -30.88 -35.74
CA ASP A 103 8.50 -31.66 -36.58
C ASP A 103 8.51 -31.18 -38.04
N LYS A 104 8.46 -29.86 -38.24
CA LYS A 104 8.36 -29.24 -39.56
C LYS A 104 9.20 -27.95 -39.60
N LYS A 105 10.23 -27.94 -40.45
CA LYS A 105 11.20 -26.83 -40.52
C LYS A 105 10.55 -25.53 -41.00
N VAL A 106 10.84 -24.43 -40.31
CA VAL A 106 10.24 -23.12 -40.61
C VAL A 106 11.31 -22.08 -40.93
N LYS A 107 12.12 -21.75 -39.92
CA LYS A 107 13.10 -20.65 -40.02
C LYS A 107 14.54 -21.16 -39.86
N SER A 108 15.48 -20.33 -40.31
CA SER A 108 16.91 -20.58 -40.18
C SER A 108 17.57 -19.35 -39.55
N MET A 109 18.15 -19.52 -38.36
CA MET A 109 18.69 -18.42 -37.58
C MET A 109 20.21 -18.47 -37.54
N GLY A 110 20.85 -17.31 -37.57
CA GLY A 110 22.31 -17.18 -37.54
C GLY A 110 22.80 -16.14 -36.55
N LYS A 111 24.04 -15.68 -36.75
CA LYS A 111 24.71 -14.74 -35.83
C LYS A 111 23.92 -13.44 -35.65
N GLY A 112 23.58 -13.12 -34.40
CA GLY A 112 22.81 -11.92 -34.05
C GLY A 112 21.37 -12.19 -33.62
N SER A 113 20.82 -13.32 -34.08
CA SER A 113 19.43 -13.71 -33.80
C SER A 113 19.25 -14.20 -32.35
N SER A 114 18.00 -14.22 -31.89
CA SER A 114 17.65 -14.70 -30.55
C SER A 114 16.42 -15.60 -30.52
N PHE A 115 16.35 -16.44 -29.49
CA PHE A 115 15.16 -17.25 -29.20
C PHE A 115 15.09 -17.66 -27.73
N GLY A 116 13.95 -18.21 -27.33
CA GLY A 116 13.70 -18.55 -25.93
C GLY A 116 13.45 -17.30 -25.09
N GLU A 117 12.72 -16.36 -25.67
CA GLU A 117 12.48 -15.03 -25.10
C GLU A 117 11.62 -15.14 -23.84
N ALA A 118 10.53 -15.89 -23.92
CA ALA A 118 9.56 -16.06 -22.82
C ALA A 118 10.16 -16.65 -21.56
N ALA A 119 11.18 -17.48 -21.70
CA ALA A 119 11.83 -18.12 -20.55
C ALA A 119 12.39 -17.14 -19.52
N LEU A 120 12.80 -15.95 -19.97
CA LEU A 120 13.25 -14.87 -19.06
C LEU A 120 12.15 -14.21 -18.22
N ILE A 121 10.89 -14.60 -18.41
CA ILE A 121 9.79 -14.08 -17.61
C ILE A 121 9.23 -15.17 -16.70
N HIS A 122 8.84 -16.30 -17.27
CA HIS A 122 8.20 -17.39 -16.53
CA HIS A 122 8.19 -17.39 -16.54
C HIS A 122 8.51 -18.78 -17.11
N ASN A 123 8.28 -19.82 -16.31
CA ASN A 123 8.30 -21.23 -16.74
C ASN A 123 7.20 -21.47 -17.76
N THR A 124 7.60 -21.63 -19.02
CA THR A 124 6.66 -21.85 -20.12
C THR A 124 7.09 -23.06 -20.95
N GLN A 125 6.10 -23.85 -21.39
CA GLN A 125 6.36 -24.98 -22.27
C GLN A 125 6.64 -24.47 -23.68
N ARG A 126 7.76 -24.90 -24.25
CA ARG A 126 8.21 -24.39 -25.57
C ARG A 126 7.26 -24.76 -26.71
N SER A 127 7.34 -23.95 -27.78
CA SER A 127 6.52 -24.14 -28.98
C SER A 127 7.18 -25.12 -29.95
N ALA A 128 8.38 -24.78 -30.40
CA ALA A 128 9.12 -25.54 -31.41
C ALA A 128 10.43 -26.09 -30.87
N THR A 129 11.07 -26.94 -31.67
CA THR A 129 12.40 -27.47 -31.37
C THR A 129 13.44 -26.72 -32.19
N ILE A 130 14.53 -26.31 -31.54
CA ILE A 130 15.65 -25.67 -32.22
C ILE A 130 16.80 -26.67 -32.33
N MET A 131 17.15 -27.02 -33.57
CA MET A 131 18.28 -27.91 -33.86
C MET A 131 19.42 -27.13 -34.50
N ALA A 132 20.64 -27.63 -34.33
CA ALA A 132 21.83 -27.02 -34.89
C ALA A 132 22.16 -27.66 -36.26
N GLU A 133 22.17 -26.84 -37.31
CA GLU A 133 22.48 -27.30 -38.67
C GLU A 133 23.97 -27.54 -38.82
N THR A 134 24.76 -26.47 -38.71
CA THR A 134 26.23 -26.53 -38.74
C THR A 134 26.77 -26.44 -37.32
N ASP A 135 28.08 -26.65 -37.17
CA ASP A 135 28.76 -26.45 -35.88
C ASP A 135 28.62 -24.97 -35.48
N GLY A 136 28.03 -24.75 -34.31
CA GLY A 136 27.72 -23.39 -33.83
C GLY A 136 27.74 -23.27 -32.32
N THR A 137 27.73 -22.02 -31.86
CA THR A 137 27.83 -21.70 -30.43
C THR A 137 26.75 -20.69 -30.00
N LEU A 138 26.30 -20.82 -28.76
CA LEU A 138 25.27 -19.94 -28.19
C LEU A 138 25.75 -19.23 -26.94
N TRP A 139 25.34 -17.97 -26.80
CA TRP A 139 25.40 -17.27 -25.52
C TRP A 139 24.05 -17.47 -24.84
N GLY A 140 24.06 -18.03 -23.63
CA GLY A 140 22.84 -18.34 -22.89
C GLY A 140 22.78 -17.83 -21.46
N VAL A 141 21.56 -17.83 -20.91
CA VAL A 141 21.33 -17.46 -19.51
C VAL A 141 20.00 -18.06 -19.02
N GLN A 142 20.00 -18.57 -17.78
CA GLN A 142 18.78 -19.11 -17.16
C GLN A 142 17.85 -18.01 -16.63
N ARG A 143 16.60 -18.39 -16.34
CA ARG A 143 15.64 -17.48 -15.69
C ARG A 143 16.13 -17.09 -14.31
N SER A 144 16.42 -18.10 -13.49
CA SER A 144 16.84 -17.91 -12.10
C SER A 144 17.91 -16.84 -12.03
N THR A 145 19.00 -17.07 -12.75
CA THR A 145 20.13 -16.14 -12.80
C THR A 145 19.71 -14.77 -13.30
N PHE A 146 18.92 -14.75 -14.38
CA PHE A 146 18.47 -13.50 -14.98
C PHE A 146 17.58 -12.65 -14.04
N ARG A 147 16.61 -13.30 -13.40
CA ARG A 147 15.72 -12.62 -12.44
C ARG A 147 16.50 -12.17 -11.20
N ALA A 148 17.40 -13.04 -10.72
CA ALA A 148 18.25 -12.73 -9.57
C ALA A 148 19.18 -11.55 -9.83
N THR A 149 19.74 -11.50 -11.03
CA THR A 149 20.61 -10.39 -11.41
C THR A 149 19.82 -9.08 -11.52
N LEU A 150 18.62 -9.13 -12.09
CA LEU A 150 17.75 -7.94 -12.15
C LEU A 150 17.27 -7.47 -10.77
N LYS A 151 16.98 -8.44 -9.90
CA LYS A 151 16.64 -8.15 -8.52
C LYS A 151 17.79 -7.39 -7.87
N GLN A 152 18.98 -8.00 -7.85
CA GLN A 152 20.13 -7.41 -7.16
C GLN A 152 20.51 -6.03 -7.68
N LEU A 153 20.46 -5.83 -8.99
CA LEU A 153 20.78 -4.53 -9.56
C LEU A 153 19.86 -3.43 -9.01
N SER A 154 18.55 -3.61 -9.16
CA SER A 154 17.59 -2.58 -8.77
C SER A 154 17.50 -2.38 -7.26
N ASN A 155 17.70 -3.47 -6.53
CA ASN A 155 17.60 -3.47 -5.07
C ASN A 155 18.78 -2.75 -4.42
N ARG A 156 19.99 -3.03 -4.90
CA ARG A 156 21.19 -2.30 -4.45
C ARG A 156 21.16 -0.83 -4.89
N ASN A 157 20.69 -0.57 -6.10
CA ASN A 157 20.49 0.80 -6.58
C ASN A 157 19.57 1.57 -5.63
N PHE A 158 18.47 0.94 -5.24
CA PHE A 158 17.49 1.53 -4.34
C PHE A 158 18.09 1.78 -2.94
N ASN A 159 18.76 0.76 -2.40
CA ASN A 159 19.40 0.86 -1.08
C ASN A 159 20.51 1.90 -1.03
N GLU A 160 21.32 1.95 -2.08
CA GLU A 160 22.37 2.97 -2.20
C GLU A 160 21.77 4.38 -2.26
N ASN A 161 20.77 4.57 -3.12
CA ASN A 161 20.08 5.86 -3.23
C ASN A 161 19.42 6.31 -1.93
N ARG A 162 18.85 5.37 -1.18
CA ARG A 162 18.20 5.68 0.10
C ARG A 162 19.22 6.13 1.15
N SER A 163 20.36 5.45 1.22
CA SER A 163 21.46 5.89 2.11
C SER A 163 21.91 7.31 1.81
N PHE A 164 21.95 7.67 0.53
CA PHE A 164 22.26 9.03 0.11
C PHE A 164 21.14 10.04 0.38
N ILE A 165 19.89 9.58 0.32
CA ILE A 165 18.76 10.39 0.81
C ILE A 165 18.99 10.70 2.30
N ASP A 166 19.37 9.69 3.07
CA ASP A 166 19.62 9.83 4.51
C ASP A 166 20.79 10.76 4.85
N SER A 167 21.83 10.78 4.02
CA SER A 167 22.97 11.66 4.23
C SER A 167 22.68 13.13 3.88
N VAL A 168 21.63 13.40 3.11
CA VAL A 168 21.28 14.78 2.73
C VAL A 168 20.37 15.40 3.80
N SER A 169 20.82 16.53 4.35
CA SER A 169 20.20 17.13 5.53
C SER A 169 18.79 17.67 5.28
N VAL A 170 18.53 18.19 4.08
CA VAL A 170 17.21 18.77 3.76
C VAL A 170 16.07 17.73 3.82
N PHE A 171 16.40 16.44 3.70
CA PHE A 171 15.42 15.35 3.83
C PHE A 171 15.25 14.80 5.24
N ASP A 172 15.97 15.36 6.23
CA ASP A 172 15.97 14.82 7.61
C ASP A 172 14.56 14.73 8.24
N MET A 173 13.69 15.68 7.93
CA MET A 173 12.33 15.69 8.52
C MET A 173 11.25 15.06 7.64
N LEU A 174 11.64 14.26 6.66
CA LEU A 174 10.71 13.39 5.96
C LEU A 174 10.54 12.12 6.79
N THR A 175 9.34 11.54 6.72
CA THR A 175 9.04 10.27 7.37
C THR A 175 9.68 9.11 6.61
N GLU A 176 9.59 7.91 7.19
CA GLU A 176 10.05 6.69 6.51
C GLU A 176 9.39 6.51 5.14
N ALA A 177 8.07 6.61 5.11
CA ALA A 177 7.30 6.43 3.89
C ALA A 177 7.63 7.48 2.83
N GLN A 178 7.85 8.72 3.27
CA GLN A 178 8.18 9.82 2.35
C GLN A 178 9.57 9.65 1.73
N LYS A 179 10.53 9.20 2.53
CA LYS A 179 11.89 8.96 2.04
C LYS A 179 11.93 7.83 1.03
N ASN A 180 11.28 6.71 1.35
CA ASN A 180 11.17 5.59 0.41
C ASN A 180 10.50 5.96 -0.90
N MET A 181 9.54 6.87 -0.85
CA MET A 181 8.83 7.29 -2.06
C MET A 181 9.71 8.10 -2.99
N ILE A 182 10.51 9.01 -2.44
CA ILE A 182 11.44 9.80 -3.26
C ILE A 182 12.73 9.07 -3.65
N THR A 183 13.07 7.99 -2.96
CA THR A 183 14.17 7.13 -3.40
C THR A 183 13.93 6.64 -4.83
N ASN A 184 12.68 6.34 -5.16
CA ASN A 184 12.27 5.95 -6.52
C ASN A 184 12.35 7.07 -7.56
N ALA A 185 12.32 8.32 -7.12
CA ALA A 185 12.54 9.46 -8.01
C ALA A 185 14.01 9.67 -8.40
N CYS A 186 14.94 8.92 -7.81
CA CYS A 186 16.35 9.05 -8.13
C CYS A 186 16.65 8.54 -9.55
N VAL A 187 17.34 9.39 -10.31
CA VAL A 187 17.78 9.08 -11.64
C VAL A 187 19.31 9.06 -11.59
N ILE A 188 19.91 7.99 -12.10
CA ILE A 188 21.37 7.88 -12.21
C ILE A 188 21.80 8.61 -13.48
N GLN A 189 22.89 9.37 -13.38
CA GLN A 189 23.36 10.22 -14.46
C GLN A 189 24.89 10.12 -14.55
N MET A 190 25.40 9.67 -15.70
CA MET A 190 26.83 9.44 -15.88
C MET A 190 27.52 10.64 -16.53
N PHE A 191 28.69 10.99 -16.02
CA PHE A 191 29.51 12.07 -16.56
C PHE A 191 30.93 11.58 -16.81
N LYS A 192 31.41 11.73 -18.04
CA LYS A 192 32.80 11.46 -18.41
C LYS A 192 33.70 12.60 -17.90
N PRO A 193 35.04 12.40 -17.92
CA PRO A 193 35.97 13.49 -17.60
C PRO A 193 35.85 14.70 -18.55
N GLY A 194 35.79 15.90 -17.98
CA GLY A 194 35.57 17.13 -18.75
C GLY A 194 34.15 17.68 -18.67
N GLU A 195 33.16 16.78 -18.62
CA GLU A 195 31.74 17.17 -18.57
C GLU A 195 31.42 18.00 -17.35
N THR A 196 30.65 19.06 -17.56
CA THR A 196 30.22 19.93 -16.47
C THR A 196 28.87 19.40 -15.96
N ILE A 197 28.80 19.13 -14.65
CA ILE A 197 27.58 18.62 -14.02
C ILE A 197 26.57 19.75 -13.85
N VAL A 198 27.01 20.85 -13.24
CA VAL A 198 26.24 22.10 -13.17
C VAL A 198 27.16 23.29 -13.45
N LYS A 199 26.59 24.38 -13.95
CA LYS A 199 27.33 25.57 -14.35
C LYS A 199 26.89 26.74 -13.50
N GLN A 200 27.84 27.54 -13.03
CA GLN A 200 27.55 28.71 -12.19
C GLN A 200 26.61 29.67 -12.91
N GLY A 201 25.56 30.13 -12.20
CA GLY A 201 24.59 31.08 -12.74
C GLY A 201 23.27 30.49 -13.26
N ASP A 202 23.29 29.23 -13.67
CA ASP A 202 22.08 28.57 -14.17
C ASP A 202 21.06 28.36 -13.07
N TYR A 203 19.79 28.62 -13.36
CA TYR A 203 18.69 28.28 -12.45
C TYR A 203 18.33 26.80 -12.61
N GLY A 204 19.13 25.94 -11.99
CA GLY A 204 18.90 24.50 -11.97
C GLY A 204 17.95 24.12 -10.85
N ASP A 205 17.27 22.99 -11.02
CA ASP A 205 16.33 22.47 -10.00
C ASP A 205 16.60 21.00 -9.63
N VAL A 206 17.87 20.62 -9.64
CA VAL A 206 18.28 19.23 -9.47
C VAL A 206 19.36 19.10 -8.39
N LEU A 207 19.11 18.22 -7.41
CA LEU A 207 20.12 17.80 -6.43
C LEU A 207 20.97 16.70 -7.06
N PHE A 208 22.28 16.73 -6.77
CA PHE A 208 23.23 15.72 -7.27
C PHE A 208 23.98 15.10 -6.09
N ILE A 209 24.21 13.79 -6.17
CA ILE A 209 24.95 13.05 -5.14
C ILE A 209 25.97 12.14 -5.81
N LEU A 210 27.25 12.30 -5.47
CA LEU A 210 28.32 11.47 -6.04
C LEU A 210 28.31 10.07 -5.42
N LYS A 211 28.01 9.06 -6.24
CA LYS A 211 28.15 7.66 -5.85
C LYS A 211 29.61 7.23 -5.93
N GLU A 212 30.17 7.24 -7.15
CA GLU A 212 31.55 6.86 -7.41
C GLU A 212 32.25 7.94 -8.26
N GLY A 213 33.54 8.16 -8.00
CA GLY A 213 34.34 9.16 -8.73
C GLY A 213 34.56 10.46 -7.98
N LYS A 214 35.15 11.44 -8.69
CA LYS A 214 35.54 12.75 -8.13
C LYS A 214 35.27 13.90 -9.13
N ALA A 215 34.96 15.07 -8.59
CA ALA A 215 34.60 16.26 -9.38
C ALA A 215 35.12 17.57 -8.76
N THR A 216 35.56 18.50 -9.62
CA THR A 216 36.23 19.73 -9.21
C THR A 216 35.28 20.94 -9.20
N VAL A 217 35.35 21.76 -8.15
CA VAL A 217 34.47 22.91 -7.96
C VAL A 217 35.16 24.20 -8.42
N PHE A 218 34.48 24.98 -9.26
CA PHE A 218 35.00 26.25 -9.80
C PHE A 218 34.03 27.40 -9.51
N ILE A 219 34.42 28.31 -8.61
CA ILE A 219 33.74 29.60 -8.44
C ILE A 219 34.54 30.65 -9.22
N ASN A 220 33.89 31.36 -10.15
CA ASN A 220 34.52 32.42 -10.97
C ASN A 220 35.75 31.92 -11.74
N ASP A 221 35.63 30.75 -12.37
CA ASP A 221 36.73 30.08 -13.09
C ASP A 221 37.99 29.78 -12.24
N LYS A 222 37.83 29.68 -10.91
CA LYS A 222 38.95 29.45 -9.99
C LYS A 222 38.62 28.23 -9.12
N GLU A 223 39.55 27.27 -9.07
CA GLU A 223 39.35 26.02 -8.32
C GLU A 223 39.25 26.28 -6.81
N ILE A 224 38.11 25.93 -6.21
CA ILE A 224 37.91 26.05 -4.76
C ILE A 224 38.32 24.76 -4.06
N ARG A 225 37.76 23.64 -4.49
CA ARG A 225 38.05 22.33 -3.89
C ARG A 225 37.61 21.18 -4.82
N VAL A 226 37.98 19.96 -4.44
CA VAL A 226 37.57 18.73 -5.15
C VAL A 226 36.54 17.98 -4.29
N LEU A 227 35.60 17.28 -4.94
CA LEU A 227 34.50 16.59 -4.26
C LEU A 227 34.63 15.07 -4.42
N ASN A 228 34.64 14.35 -3.29
CA ASN A 228 34.78 12.88 -3.29
C ASN A 228 33.43 12.20 -3.07
N LYS A 229 33.40 10.88 -3.31
CA LYS A 229 32.17 10.06 -3.21
C LYS A 229 31.41 10.28 -1.91
N GLY A 230 30.11 10.60 -2.03
CA GLY A 230 29.27 10.96 -0.89
C GLY A 230 28.92 12.43 -0.85
N SER A 231 29.83 13.29 -1.33
CA SER A 231 29.59 14.74 -1.39
C SER A 231 28.39 15.03 -2.29
N TYR A 232 27.59 16.02 -1.89
CA TYR A 232 26.39 16.39 -2.62
C TYR A 232 26.21 17.90 -2.72
N PHE A 233 25.33 18.30 -3.64
CA PHE A 233 25.06 19.71 -3.89
C PHE A 233 23.76 19.89 -4.66
N GLY A 234 23.08 21.00 -4.39
CA GLY A 234 21.82 21.34 -5.03
C GLY A 234 20.58 21.18 -4.17
N GLU A 235 20.75 20.98 -2.85
CA GLU A 235 19.61 20.81 -1.97
C GLU A 235 18.73 22.05 -1.87
N ARG A 236 19.34 23.23 -1.97
CA ARG A 236 18.59 24.48 -2.01
C ARG A 236 17.75 24.61 -3.30
N ALA A 237 18.25 24.04 -4.40
CA ALA A 237 17.54 24.04 -5.70
C ALA A 237 16.27 23.16 -5.75
N LEU A 238 16.02 22.35 -4.71
CA LEU A 238 14.74 21.63 -4.55
C LEU A 238 13.67 22.46 -3.82
N LEU A 239 14.11 23.52 -3.14
CA LEU A 239 13.22 24.39 -2.37
C LEU A 239 12.92 25.72 -3.06
N TYR A 240 13.95 26.30 -3.70
CA TYR A 240 13.92 27.69 -4.20
C TYR A 240 14.45 27.79 -5.64
N ASP A 241 14.05 28.87 -6.30
CA ASP A 241 14.60 29.24 -7.61
C ASP A 241 15.83 30.09 -7.39
N GLU A 242 17.00 29.46 -7.50
CA GLU A 242 18.26 30.14 -7.25
C GLU A 242 19.34 29.74 -8.26
N PRO A 243 20.26 30.66 -8.58
CA PRO A 243 21.36 30.28 -9.45
C PRO A 243 22.35 29.36 -8.74
N ARG A 244 23.08 28.55 -9.51
CA ARG A 244 24.15 27.74 -8.94
C ARG A 244 25.27 28.66 -8.48
N SER A 245 25.77 28.41 -7.27
CA SER A 245 26.89 29.15 -6.71
C SER A 245 28.22 28.80 -7.36
N ALA A 246 28.31 27.60 -7.94
CA ALA A 246 29.55 27.08 -8.51
C ALA A 246 29.36 26.35 -9.84
N THR A 247 30.49 26.07 -10.48
CA THR A 247 30.56 25.23 -11.67
C THR A 247 31.27 23.95 -11.25
N ILE A 248 30.56 22.83 -11.26
CA ILE A 248 31.10 21.52 -10.88
C ILE A 248 31.43 20.74 -12.15
N ILE A 249 32.70 20.31 -12.27
CA ILE A 249 33.18 19.57 -13.45
C ILE A 249 33.79 18.23 -12.99
N ALA A 250 33.47 17.16 -13.72
CA ALA A 250 33.96 15.81 -13.40
C ALA A 250 35.44 15.65 -13.75
N LYS A 251 36.23 15.23 -12.77
CA LYS A 251 37.68 15.02 -12.93
C LYS A 251 37.95 13.65 -13.56
N GLU A 252 37.33 12.61 -12.99
CA GLU A 252 37.42 11.22 -13.50
C GLU A 252 36.00 10.74 -13.84
N PRO A 253 35.85 9.49 -14.34
CA PRO A 253 34.49 8.96 -14.59
C PRO A 253 33.65 8.90 -13.32
N THR A 254 32.44 9.46 -13.38
CA THR A 254 31.62 9.70 -12.20
C THR A 254 30.17 9.32 -12.41
N ALA A 255 29.57 8.73 -11.38
CA ALA A 255 28.15 8.38 -11.36
C ALA A 255 27.44 9.22 -10.29
N CYS A 256 26.36 9.89 -10.69
CA CYS A 256 25.59 10.77 -9.80
C CYS A 256 24.14 10.31 -9.70
N ALA A 257 23.67 10.10 -8.46
CA ALA A 257 22.25 9.95 -8.19
C ALA A 257 21.65 11.35 -8.11
N SER A 258 20.58 11.60 -8.85
CA SER A 258 20.01 12.95 -8.96
C SER A 258 18.49 12.97 -8.73
N ILE A 259 17.99 14.04 -8.13
CA ILE A 259 16.56 14.23 -7.90
C ILE A 259 16.15 15.60 -8.42
N CYS A 260 15.21 15.60 -9.36
CA CYS A 260 14.67 16.82 -9.94
C CYS A 260 13.48 17.27 -9.10
N ARG A 261 13.30 18.59 -9.02
CA ARG A 261 12.19 19.17 -8.27
C ARG A 261 10.85 18.85 -8.91
N LYS A 262 10.82 18.82 -10.25
CA LYS A 262 9.60 18.52 -11.02
C LYS A 262 9.01 17.15 -10.63
N LEU A 263 9.86 16.12 -10.56
CA LEU A 263 9.42 14.78 -10.15
C LEU A 263 9.06 14.70 -8.66
N LEU A 264 9.86 15.35 -7.84
CA LEU A 264 9.58 15.48 -6.41
C LEU A 264 8.20 16.10 -6.17
N ASN A 265 7.85 17.14 -6.95
CA ASN A 265 6.54 17.78 -6.83
C ASN A 265 5.38 16.86 -7.23
N ILE A 266 5.62 15.98 -8.19
CA ILE A 266 4.65 14.96 -8.58
C ILE A 266 4.50 13.92 -7.48
N VAL A 267 5.63 13.39 -7.00
CA VAL A 267 5.66 12.29 -6.04
C VAL A 267 5.25 12.71 -4.61
N LEU A 268 5.78 13.85 -4.18
CA LEU A 268 5.72 14.27 -2.79
C LEU A 268 4.87 15.54 -2.56
N GLY A 269 4.67 16.36 -3.59
CA GLY A 269 4.08 17.67 -3.43
C GLY A 269 5.18 18.67 -3.12
N ASN A 270 4.78 19.86 -2.67
CA ASN A 270 5.73 20.92 -2.31
C ASN A 270 6.55 20.47 -1.11
N LEU A 271 7.87 20.46 -1.26
CA LEU A 271 8.78 19.92 -0.24
C LEU A 271 8.77 20.75 1.06
N GLN A 272 8.73 22.08 0.94
CA GLN A 272 8.62 22.96 2.12
C GLN A 272 7.32 22.70 2.90
N VAL A 273 6.22 22.55 2.17
CA VAL A 273 4.92 22.29 2.78
C VAL A 273 4.90 20.95 3.53
N VAL A 274 5.48 19.93 2.90
CA VAL A 274 5.53 18.58 3.49
C VAL A 274 6.42 18.55 4.74
N LEU A 275 7.60 19.16 4.67
CA LEU A 275 8.52 19.19 5.81
C LEU A 275 7.89 19.88 7.02
N PHE A 276 7.33 21.05 6.80
CA PHE A 276 6.68 21.84 7.85
C PHE A 276 5.52 21.08 8.50
N ARG A 277 4.70 20.42 7.70
CA ARG A 277 3.64 19.55 8.22
C ARG A 277 4.15 18.48 9.17
N ASN A 278 5.28 17.87 8.81
CA ASN A 278 5.89 16.86 9.68
C ASN A 278 6.41 17.47 10.98
N ILE A 279 7.13 18.59 10.88
CA ILE A 279 7.65 19.33 12.03
C ILE A 279 6.50 19.77 12.97
N MET A 280 5.47 20.37 12.38
CA MET A 280 4.30 20.83 13.12
C MET A 280 3.48 19.70 13.72
N THR A 281 3.28 18.62 12.96
CA THR A 281 2.54 17.43 13.42
C THR A 281 3.23 16.82 14.65
N GLU A 282 4.55 16.69 14.60
CA GLU A 282 5.30 16.14 15.73
C GLU A 282 5.16 17.03 16.98
N ALA A 283 5.27 18.34 16.79
CA ALA A 283 5.15 19.28 17.90
C ALA A 283 3.73 19.23 18.48
N LEU A 284 2.72 19.40 17.63
CA LEU A 284 1.32 19.38 18.07
C LEU A 284 0.92 18.09 18.81
N GLN A 285 1.47 16.96 18.39
CA GLN A 285 1.20 15.67 19.05
C GLN A 285 1.79 15.51 20.46
N GLN A 286 2.68 16.41 20.89
CA GLN A 286 3.13 16.42 22.29
C GLN A 286 1.99 16.77 23.26
N SER A 287 1.06 17.60 22.80
CA SER A 287 -0.18 17.88 23.51
C SER A 287 -1.18 16.72 23.37
N GLU A 288 -1.79 16.35 24.50
CA GLU A 288 -2.83 15.31 24.52
C GLU A 288 -4.08 15.71 23.71
N ILE A 289 -4.31 17.02 23.55
CA ILE A 289 -5.45 17.52 22.79
C ILE A 289 -5.27 17.19 21.31
N PHE A 290 -4.17 17.67 20.74
CA PHE A 290 -3.96 17.55 19.29
C PHE A 290 -3.63 16.13 18.80
N ARG A 291 -3.29 15.20 19.71
CA ARG A 291 -3.18 13.77 19.36
C ARG A 291 -4.47 13.21 18.78
N GLN A 292 -5.61 13.67 19.30
CA GLN A 292 -6.91 13.19 18.83
C GLN A 292 -7.35 13.80 17.50
N PHE A 293 -6.74 14.91 17.11
CA PHE A 293 -6.96 15.50 15.78
C PHE A 293 -6.51 14.54 14.67
N SER A 294 -7.17 14.62 13.51
CA SER A 294 -6.81 13.82 12.35
C SER A 294 -5.57 14.41 11.71
N ALA A 295 -4.88 13.59 10.91
CA ALA A 295 -3.72 14.04 10.16
C ALA A 295 -4.05 15.24 9.29
N GLU A 296 -5.22 15.22 8.65
CA GLU A 296 -5.66 16.35 7.82
C GLU A 296 -5.79 17.62 8.65
N GLN A 297 -6.45 17.51 9.80
CA GLN A 297 -6.62 18.64 10.70
C GLN A 297 -5.30 19.25 11.13
N LEU A 298 -4.31 18.42 11.46
CA LEU A 298 -2.98 18.91 11.86
C LEU A 298 -2.22 19.52 10.68
N ASN A 299 -2.32 18.89 9.51
CA ASN A 299 -1.75 19.44 8.28
C ASN A 299 -2.31 20.83 7.97
N ASP A 300 -3.63 20.99 8.12
CA ASP A 300 -4.28 22.31 7.96
C ASP A 300 -3.74 23.34 8.96
N LEU A 301 -3.50 22.93 10.20
CA LEU A 301 -2.92 23.85 11.19
C LEU A 301 -1.50 24.25 10.80
N ALA A 302 -0.74 23.29 10.27
CA ALA A 302 0.62 23.55 9.77
C ALA A 302 0.64 24.50 8.57
N ASP A 303 -0.31 24.34 7.64
CA ASP A 303 -0.35 25.17 6.43
C ASP A 303 -0.81 26.61 6.70
N THR A 304 -1.57 26.84 7.77
CA THR A 304 -2.15 28.16 8.09
C THR A 304 -1.53 28.87 9.31
N ALA A 305 -0.61 28.19 9.99
CA ALA A 305 0.05 28.76 11.16
C ALA A 305 0.85 29.98 10.79
N ILE A 306 0.82 30.99 11.65
CA ILE A 306 1.61 32.20 11.46
C ILE A 306 3.03 31.90 11.96
N VAL A 307 4.03 32.10 11.10
CA VAL A 307 5.43 31.91 11.47
C VAL A 307 6.09 33.28 11.55
N ARG A 308 6.85 33.50 12.63
N ARG A 308 6.83 33.52 12.64
CA ARG A 308 7.44 34.80 12.93
CA ARG A 308 7.43 34.82 12.91
C ARG A 308 8.81 34.64 13.55
C ARG A 308 8.80 34.66 13.57
N ASP A 309 9.73 35.53 13.18
CA ASP A 309 11.06 35.60 13.77
C ASP A 309 11.07 36.73 14.76
N TYR A 310 11.61 36.48 15.95
CA TYR A 310 11.70 37.51 17.00
C TYR A 310 13.14 37.72 17.41
N PRO A 311 13.52 38.98 17.70
CA PRO A 311 14.81 39.19 18.35
C PRO A 311 14.78 38.69 19.79
N ALA A 312 15.94 38.67 20.45
CA ALA A 312 16.04 38.32 21.87
C ALA A 312 15.35 39.36 22.75
N ASN A 313 14.87 38.90 23.92
CA ASN A 313 14.20 39.73 24.93
C ASN A 313 12.97 40.45 24.40
N TYR A 314 12.13 39.71 23.68
CA TYR A 314 10.91 40.26 23.12
C TYR A 314 9.70 39.57 23.73
N HIS A 315 8.69 40.36 24.08
CA HIS A 315 7.42 39.83 24.59
C HIS A 315 6.55 39.39 23.42
N ILE A 316 6.69 38.12 23.06
CA ILE A 316 5.93 37.52 21.98
C ILE A 316 4.45 37.54 22.32
N LEU A 317 4.13 37.09 23.53
CA LEU A 317 2.77 37.18 24.10
C LEU A 317 2.82 37.87 25.46
N HIS A 318 1.81 38.71 25.73
CA HIS A 318 1.65 39.39 27.02
C HIS A 318 0.17 39.75 27.33
N LYS A 319 -0.37 39.18 28.40
CA LYS A 319 -1.74 39.47 28.88
C LYS A 319 -2.82 39.09 27.86
N LYS A 323 -4.13 40.23 21.24
CA LYS A 323 -3.69 38.92 20.77
C LYS A 323 -4.76 37.83 20.97
N SER A 324 -5.06 37.09 19.91
CA SER A 324 -5.97 35.94 19.98
C SER A 324 -5.24 34.62 19.67
N VAL A 325 -3.98 34.54 20.10
CA VAL A 325 -3.18 33.33 20.00
C VAL A 325 -3.64 32.32 21.04
N LYS A 326 -3.85 31.08 20.62
CA LYS A 326 -4.20 29.97 21.52
C LYS A 326 -3.08 28.96 21.73
N TYR A 327 -2.16 28.85 20.78
CA TYR A 327 -1.08 27.86 20.87
C TYR A 327 0.19 28.40 20.22
N LEU A 328 1.33 27.99 20.79
CA LEU A 328 2.63 28.53 20.42
C LEU A 328 3.63 27.40 20.35
N ILE A 329 4.42 27.37 19.27
CA ILE A 329 5.41 26.33 19.02
C ILE A 329 6.76 26.97 18.71
N VAL A 330 7.81 26.50 19.37
CA VAL A 330 9.15 26.99 19.11
C VAL A 330 9.77 26.16 17.99
N LEU A 331 10.03 26.82 16.86
CA LEU A 331 10.71 26.20 15.73
C LEU A 331 12.21 26.33 15.87
N GLU A 332 12.68 27.50 16.33
CA GLU A 332 14.10 27.74 16.57
C GLU A 332 14.30 28.61 17.80
N GLY A 333 15.37 28.38 18.54
CA GLY A 333 15.69 29.19 19.71
C GLY A 333 15.04 28.73 21.01
N LYS A 334 14.83 29.69 21.90
CA LYS A 334 14.33 29.48 23.25
C LYS A 334 13.44 30.63 23.67
N VAL A 335 12.36 30.30 24.38
CA VAL A 335 11.51 31.29 25.02
C VAL A 335 11.28 30.89 26.48
N GLU A 336 11.00 31.88 27.31
CA GLU A 336 10.71 31.67 28.72
C GLU A 336 9.24 31.96 28.96
N LEU A 337 8.59 31.10 29.75
CA LEU A 337 7.19 31.28 30.09
C LEU A 337 7.06 31.89 31.47
N PHE A 338 6.13 32.82 31.61
CA PHE A 338 5.86 33.49 32.89
C PHE A 338 4.38 33.48 33.19
N LEU A 339 4.04 33.18 34.44
CA LEU A 339 2.76 33.54 35.00
C LEU A 339 2.99 34.76 35.89
N ASP A 340 2.55 35.93 35.43
CA ASP A 340 2.80 37.21 36.08
C ASP A 340 4.32 37.42 36.22
N ASP A 341 4.88 37.36 37.42
CA ASP A 341 6.34 37.54 37.61
C ASP A 341 7.10 36.23 37.82
N GLU A 342 6.40 35.10 37.90
CA GLU A 342 7.04 33.82 38.15
C GLU A 342 7.32 33.09 36.85
N SER A 343 8.60 32.82 36.60
CA SER A 343 9.01 31.93 35.52
C SER A 343 8.48 30.53 35.78
N ILE A 344 7.84 29.93 34.78
CA ILE A 344 7.31 28.56 34.91
C ILE A 344 8.01 27.52 34.04
N GLY A 345 9.06 27.94 33.31
CA GLY A 345 9.79 27.05 32.41
C GLY A 345 10.32 27.70 31.15
N ILE A 346 11.23 27.00 30.50
CA ILE A 346 11.85 27.43 29.25
C ILE A 346 11.52 26.41 28.17
N LEU A 347 11.00 26.90 27.05
CA LEU A 347 10.69 26.04 25.90
C LEU A 347 11.80 26.12 24.87
N THR A 348 12.42 24.98 24.59
CA THR A 348 13.42 24.86 23.53
C THR A 348 12.77 24.41 22.21
N ARG A 349 13.60 24.25 21.19
CA ARG A 349 13.21 23.77 19.86
C ARG A 349 12.24 22.59 19.91
N GLY A 350 11.10 22.72 19.23
CA GLY A 350 10.06 21.66 19.22
C GLY A 350 9.06 21.63 20.37
N LYS A 351 9.32 22.34 21.47
CA LYS A 351 8.38 22.39 22.59
C LYS A 351 7.28 23.41 22.30
N SER A 352 6.22 23.36 23.11
CA SER A 352 5.02 24.17 22.86
C SER A 352 4.21 24.45 24.11
N PHE A 353 3.27 25.39 23.97
CA PHE A 353 2.49 25.89 25.07
C PHE A 353 1.11 26.35 24.62
N GLY A 354 0.11 26.12 25.47
CA GLY A 354 -1.24 26.67 25.25
C GLY A 354 -2.45 25.76 25.41
N ASP A 355 -2.23 24.50 25.80
CA ASP A 355 -3.31 23.53 26.09
C ASP A 355 -4.52 24.13 26.78
N GLN A 356 -4.25 24.90 27.84
CA GLN A 356 -5.25 25.61 28.64
C GLN A 356 -6.17 26.49 27.79
N TYR A 357 -5.57 27.24 26.88
CA TYR A 357 -6.30 28.22 26.07
C TYR A 357 -6.95 27.60 24.83
N VAL A 358 -6.38 26.50 24.32
CA VAL A 358 -7.00 25.74 23.23
C VAL A 358 -8.35 25.16 23.66
N LEU A 359 -8.39 24.62 24.89
CA LEU A 359 -9.61 24.03 25.47
C LEU A 359 -10.64 25.02 25.95
N ASN A 360 -10.20 26.23 26.31
CA ASN A 360 -11.09 27.28 26.82
C ASN A 360 -10.95 28.53 25.96
N GLN A 361 -11.67 28.52 24.85
CA GLN A 361 -11.64 29.57 23.81
C GLN A 361 -11.80 30.98 24.36
N LYS A 362 -12.75 31.16 25.28
CA LYS A 362 -13.12 32.47 25.83
C LYS A 362 -12.23 32.94 27.00
N GLN A 363 -11.32 32.10 27.47
CA GLN A 363 -10.46 32.43 28.59
C GLN A 363 -9.41 33.49 28.21
N LYS A 364 -9.22 34.47 29.11
CA LYS A 364 -8.19 35.49 28.93
C LYS A 364 -6.81 34.86 29.05
N PHE A 365 -5.90 35.27 28.17
CA PHE A 365 -4.51 34.78 28.20
C PHE A 365 -3.76 35.40 29.38
N ARG A 366 -3.51 34.59 30.41
CA ARG A 366 -2.92 35.06 31.66
C ARG A 366 -1.38 35.05 31.63
N HIS A 367 -0.79 34.31 30.69
CA HIS A 367 0.65 34.08 30.67
C HIS A 367 1.43 35.10 29.83
N THR A 368 2.74 35.10 30.02
CA THR A 368 3.66 35.89 29.26
C THR A 368 4.69 34.95 28.64
N VAL A 369 5.06 35.21 27.38
CA VAL A 369 6.10 34.47 26.70
C VAL A 369 7.16 35.47 26.23
N LYS A 370 8.40 35.25 26.63
CA LYS A 370 9.49 36.17 26.33
C LYS A 370 10.63 35.40 25.68
N SER A 371 11.09 35.87 24.54
CA SER A 371 12.24 35.26 23.86
C SER A 371 13.51 35.46 24.66
N LEU A 372 14.32 34.40 24.74
CA LEU A 372 15.62 34.42 25.42
C LEU A 372 16.78 34.68 24.46
N ASP A 373 16.64 34.19 23.23
CA ASP A 373 17.54 34.52 22.14
C ASP A 373 16.72 34.77 20.87
N VAL A 374 17.38 35.00 19.74
CA VAL A 374 16.68 35.13 18.46
C VAL A 374 16.02 33.81 18.19
N CYS A 375 14.74 33.84 17.81
CA CYS A 375 13.97 32.61 17.69
C CYS A 375 12.97 32.68 16.56
N LYS A 376 12.47 31.51 16.18
CA LYS A 376 11.41 31.37 15.19
C LYS A 376 10.22 30.65 15.85
N ILE A 377 9.05 31.26 15.75
CA ILE A 377 7.86 30.77 16.46
C ILE A 377 6.69 30.56 15.51
N ALA A 378 5.98 29.45 15.68
CA ALA A 378 4.71 29.22 15.00
C ALA A 378 3.58 29.51 15.97
N LEU A 379 2.59 30.27 15.52
CA LEU A 379 1.46 30.67 16.34
C LEU A 379 0.17 30.15 15.73
N ILE A 380 -0.70 29.58 16.57
CA ILE A 380 -2.02 29.13 16.16
C ILE A 380 -3.06 30.02 16.84
N THR A 381 -3.80 30.77 16.03
CA THR A 381 -4.82 31.68 16.51
C THR A 381 -6.17 30.98 16.66
N GLU A 382 -7.11 31.72 17.24
CA GLU A 382 -8.51 31.30 17.37
C GLU A 382 -9.18 31.00 16.02
N SER A 383 -8.95 31.88 15.04
N SER A 383 -8.96 31.88 15.04
CA SER A 383 -9.45 31.71 13.67
CA SER A 383 -9.49 31.69 13.68
C SER A 383 -8.83 30.49 12.98
C SER A 383 -8.83 30.51 12.96
N CYS A 384 -7.56 30.28 13.25
CA CYS A 384 -6.81 29.15 12.68
C CYS A 384 -7.35 27.80 13.18
N LEU A 385 -7.78 27.74 14.44
CA LEU A 385 -8.44 26.54 14.99
C LEU A 385 -9.87 26.37 14.46
N ALA A 386 -10.60 27.48 14.38
CA ALA A 386 -11.98 27.45 13.88
C ALA A 386 -12.03 26.96 12.43
N ASP A 387 -11.13 27.50 11.61
CA ASP A 387 -11.02 27.09 10.21
C ASP A 387 -10.60 25.63 10.10
N CYS A 388 -9.68 25.20 10.98
CA CYS A 388 -9.27 23.80 11.04
C CYS A 388 -10.45 22.88 11.35
N LEU A 389 -11.28 23.28 12.32
CA LEU A 389 -12.36 22.43 12.84
C LEU A 389 -13.69 22.58 12.09
N GLY A 390 -13.82 23.62 11.26
CA GLY A 390 -15.05 23.87 10.52
C GLY A 390 -16.13 24.68 11.22
N ASP A 391 -15.91 25.12 12.47
CA ASP A 391 -16.83 26.07 13.13
C ASP A 391 -16.21 26.85 14.29
N ASN A 392 -16.90 27.94 14.66
CA ASN A 392 -16.42 28.88 15.67
C ASN A 392 -16.49 28.38 17.11
N ASN A 393 -17.38 27.42 17.38
CA ASN A 393 -17.47 26.80 18.69
C ASN A 393 -16.36 25.78 18.85
N ILE A 394 -15.19 26.27 19.24
CA ILE A 394 -13.98 25.45 19.37
C ILE A 394 -14.12 24.43 20.50
N ASP A 395 -14.65 24.86 21.64
CA ASP A 395 -14.77 24.01 22.83
C ASP A 395 -15.64 22.81 22.53
N ALA A 396 -16.81 23.06 21.93
CA ALA A 396 -17.76 22.01 21.53
C ALA A 396 -17.17 21.07 20.47
N SER A 397 -16.48 21.62 19.46
CA SER A 397 -15.90 20.82 18.36
C SER A 397 -14.77 19.91 18.81
N ILE A 398 -13.96 20.40 19.73
CA ILE A 398 -12.89 19.58 20.32
C ILE A 398 -13.50 18.40 21.11
N ASP A 399 -14.58 18.67 21.85
CA ASP A 399 -15.29 17.63 22.58
C ASP A 399 -15.93 16.64 21.57
N HIS A 400 -16.69 17.19 20.64
CA HIS A 400 -17.25 16.42 19.54
C HIS A 400 -16.25 15.48 18.87
N ASN A 401 -15.07 16.02 18.55
CA ASN A 401 -14.01 15.26 17.86
C ASN A 401 -13.31 14.24 18.77
N ASN A 402 -13.25 14.55 20.05
CA ASN A 402 -12.69 13.63 21.04
C ASN A 402 -13.53 12.35 21.07
N LYS A 403 -14.85 12.53 21.09
CA LYS A 403 -15.80 11.40 21.01
C LYS A 403 -15.72 10.69 19.67
N LYS A 404 -15.68 11.44 18.57
CA LYS A 404 -15.54 10.88 17.22
C LYS A 404 -14.30 10.00 17.08
N SER A 405 -13.17 10.46 17.61
CA SER A 405 -11.93 9.67 17.61
C SER A 405 -12.09 8.31 18.28
N ILE A 406 -12.89 8.27 19.35
CA ILE A 406 -13.09 7.05 20.12
C ILE A 406 -13.94 6.05 19.35
N ILE A 407 -15.10 6.50 18.87
CA ILE A 407 -16.02 5.59 18.18
C ILE A 407 -15.54 5.16 16.77
N LYS A 408 -14.79 6.02 16.09
CA LYS A 408 -14.20 5.67 14.79
C LYS A 408 -13.14 4.57 14.84
N LYS A 409 -12.73 4.15 16.04
CA LYS A 409 -11.89 2.97 16.19
C LYS A 409 -12.70 1.65 16.29
N MET A 410 -14.02 1.76 16.47
CA MET A 410 -14.90 0.59 16.62
C MET A 410 -15.55 0.25 15.28
N TYR A 411 -15.57 -1.03 14.92
CA TYR A 411 -16.21 -1.48 13.68
C TYR A 411 -17.65 -0.98 13.53
N ILE A 412 -18.43 -1.10 14.62
CA ILE A 412 -19.85 -0.70 14.67
C ILE A 412 -20.10 0.72 14.16
N PHE A 413 -19.18 1.64 14.46
CA PHE A 413 -19.36 3.06 14.16
C PHE A 413 -18.51 3.57 12.99
N ARG A 414 -17.36 2.96 12.73
CA ARG A 414 -16.38 3.59 11.84
C ARG A 414 -16.79 3.67 10.36
N TYR A 415 -17.75 2.85 9.95
CA TYR A 415 -18.22 2.85 8.56
C TYR A 415 -19.56 3.52 8.34
N LEU A 416 -20.15 4.11 9.38
CA LEU A 416 -21.39 4.88 9.25
C LEU A 416 -21.05 6.20 8.56
N SER A 417 -22.03 6.80 7.88
CA SER A 417 -21.82 8.11 7.27
C SER A 417 -21.46 9.17 8.31
N GLU A 418 -20.89 10.28 7.87
CA GLU A 418 -20.45 11.31 8.78
C GLU A 418 -21.65 11.95 9.43
N GLN A 419 -22.71 12.16 8.67
CA GLN A 419 -23.98 12.66 9.20
C GLN A 419 -24.56 11.74 10.29
N GLN A 420 -24.48 10.43 10.09
CA GLN A 420 -24.92 9.45 11.09
C GLN A 420 -24.04 9.49 12.34
N CYS A 421 -22.74 9.59 12.12
CA CYS A 421 -21.75 9.62 13.20
C CYS A 421 -21.85 10.90 14.04
N ASN A 422 -22.09 12.03 13.38
CA ASN A 422 -22.30 13.31 14.05
C ASN A 422 -23.56 13.33 14.91
N LEU A 423 -24.69 12.85 14.35
CA LEU A 423 -25.96 12.76 15.09
C LEU A 423 -25.86 11.86 16.32
N LEU A 424 -25.13 10.78 16.17
CA LEU A 424 -24.93 9.85 17.26
C LEU A 424 -24.12 10.46 18.40
N ILE A 425 -23.03 11.14 18.04
CA ILE A 425 -22.19 11.84 18.99
C ILE A 425 -23.01 12.91 19.73
N GLU A 426 -23.77 13.71 18.99
CA GLU A 426 -24.67 14.73 19.56
C GLU A 426 -25.71 14.18 20.55
N ALA A 427 -26.13 12.94 20.34
CA ALA A 427 -27.12 12.31 21.21
C ALA A 427 -26.54 11.77 22.52
N PHE A 428 -25.21 11.73 22.66
CA PHE A 428 -24.60 11.29 23.90
C PHE A 428 -25.11 12.11 25.09
N ARG A 429 -25.41 11.40 26.18
CA ARG A 429 -25.81 11.98 27.44
C ARG A 429 -24.83 11.53 28.48
N THR A 430 -24.69 12.33 29.53
CA THR A 430 -23.71 12.10 30.59
C THR A 430 -24.44 11.77 31.89
N THR A 431 -23.93 10.77 32.61
CA THR A 431 -24.37 10.49 33.99
C THR A 431 -23.17 10.19 34.90
N ARG A 432 -23.41 10.31 36.21
CA ARG A 432 -22.38 10.10 37.24
C ARG A 432 -22.73 8.92 38.14
N TYR A 433 -21.69 8.27 38.67
CA TYR A 433 -21.85 7.12 39.54
C TYR A 433 -20.99 7.24 40.80
N GLU A 434 -21.54 6.80 41.93
CA GLU A 434 -20.80 6.70 43.18
C GLU A 434 -19.95 5.43 43.14
N GLU A 435 -18.89 5.39 43.96
CA GLU A 435 -18.02 4.21 44.04
C GLU A 435 -18.82 2.99 44.53
N GLY A 436 -18.62 1.85 43.87
CA GLY A 436 -19.36 0.63 44.20
C GLY A 436 -20.69 0.43 43.48
N ASP A 437 -21.13 1.43 42.71
CA ASP A 437 -22.37 1.33 41.92
C ASP A 437 -22.16 0.39 40.75
N TYR A 438 -23.06 -0.58 40.61
CA TYR A 438 -23.10 -1.44 39.45
C TYR A 438 -23.65 -0.65 38.27
N ILE A 439 -22.75 -0.20 37.40
CA ILE A 439 -23.15 0.49 36.16
C ILE A 439 -23.90 -0.50 35.25
N ILE A 440 -23.37 -1.72 35.16
CA ILE A 440 -24.01 -2.85 34.50
C ILE A 440 -23.93 -4.05 35.46
N GLN A 441 -25.01 -4.83 35.51
CA GLN A 441 -25.10 -6.04 36.33
C GLN A 441 -25.23 -7.21 35.36
N GLU A 442 -24.39 -8.24 35.51
CA GLU A 442 -24.42 -9.40 34.61
C GLU A 442 -25.73 -10.18 34.73
N GLY A 443 -26.18 -10.72 33.59
CA GLY A 443 -27.45 -11.44 33.51
C GLY A 443 -28.63 -10.58 33.09
N GLU A 444 -28.54 -9.27 33.31
CA GLU A 444 -29.62 -8.35 32.95
C GLU A 444 -29.51 -7.96 31.47
N VAL A 445 -30.65 -7.66 30.87
CA VAL A 445 -30.71 -7.24 29.48
C VAL A 445 -30.44 -5.75 29.39
N GLY A 446 -29.39 -5.38 28.66
CA GLY A 446 -28.95 -3.99 28.53
C GLY A 446 -29.54 -3.32 27.31
N SER A 447 -29.56 -1.99 27.34
CA SER A 447 -29.96 -1.19 26.18
C SER A 447 -29.07 0.05 25.95
N ARG A 448 -27.85 0.05 26.50
CA ARG A 448 -26.99 1.23 26.50
C ARG A 448 -25.53 0.90 26.19
N PHE A 449 -24.89 1.83 25.48
CA PHE A 449 -23.46 1.80 25.17
C PHE A 449 -22.79 2.91 25.97
N TYR A 450 -21.63 2.61 26.56
CA TYR A 450 -20.94 3.53 27.46
C TYR A 450 -19.52 3.89 27.01
N ILE A 451 -19.16 5.15 27.23
CA ILE A 451 -17.78 5.61 27.12
C ILE A 451 -17.42 6.33 28.42
N ILE A 452 -16.33 5.90 29.06
CA ILE A 452 -15.88 6.49 30.34
C ILE A 452 -15.26 7.86 30.07
N LYS A 453 -15.87 8.90 30.63
CA LYS A 453 -15.36 10.27 30.55
C LYS A 453 -14.26 10.48 31.60
N ASN A 454 -14.59 10.16 32.85
CA ASN A 454 -13.70 10.31 34.01
C ASN A 454 -13.74 9.07 34.90
N GLY A 455 -12.59 8.72 35.47
CA GLY A 455 -12.51 7.68 36.50
C GLY A 455 -12.12 6.31 35.98
N GLU A 456 -12.45 5.30 36.78
CA GLU A 456 -12.08 3.91 36.50
C GLU A 456 -13.20 2.95 36.89
N VAL A 457 -13.32 1.85 36.15
CA VAL A 457 -14.31 0.80 36.43
C VAL A 457 -13.66 -0.59 36.40
N GLU A 458 -14.34 -1.56 37.01
CA GLU A 458 -13.86 -2.93 37.10
C GLU A 458 -14.82 -3.89 36.39
N VAL A 459 -14.30 -4.67 35.45
CA VAL A 459 -15.07 -5.70 34.74
C VAL A 459 -14.95 -7.00 35.54
N THR A 460 -16.09 -7.60 35.91
CA THR A 460 -16.10 -8.84 36.73
C THR A 460 -17.10 -9.87 36.21
N LYS A 461 -16.92 -11.13 36.63
CA LYS A 461 -17.82 -12.23 36.27
C LYS A 461 -17.69 -13.40 37.26
N ASN A 462 -18.83 -14.05 37.54
CA ASN A 462 -18.93 -15.22 38.44
C ASN A 462 -18.01 -15.19 39.66
N LYS A 464 -15.40 -13.00 40.11
CA LYS A 464 -13.99 -12.63 40.12
C LYS A 464 -13.67 -11.56 39.08
N ARG A 465 -12.57 -10.84 39.26
CA ARG A 465 -12.17 -9.75 38.37
C ARG A 465 -11.63 -10.25 37.04
N LEU A 466 -11.97 -9.53 35.96
CA LEU A 466 -11.45 -9.80 34.60
C LEU A 466 -10.53 -8.68 34.08
N ARG A 467 -10.99 -7.42 34.16
CA ARG A 467 -10.24 -6.28 33.61
C ARG A 467 -10.48 -4.98 34.38
N THR A 468 -9.75 -3.93 33.98
CA THR A 468 -9.92 -2.58 34.51
C THR A 468 -9.89 -1.59 33.34
N LEU A 469 -10.90 -0.72 33.27
CA LEU A 469 -11.05 0.26 32.18
C LEU A 469 -11.10 1.67 32.76
N GLY A 470 -10.63 2.65 31.99
CA GLY A 470 -10.58 4.05 32.43
C GLY A 470 -10.90 5.06 31.34
N LYS A 471 -10.52 6.31 31.59
CA LYS A 471 -10.84 7.44 30.70
C LYS A 471 -10.73 7.04 29.22
N ASN A 472 -11.82 7.27 28.48
CA ASN A 472 -11.93 7.01 27.03
C ASN A 472 -12.04 5.55 26.56
N ASP A 473 -12.04 4.59 27.50
CA ASP A 473 -12.46 3.22 27.18
C ASP A 473 -13.97 3.17 27.01
N TYR A 474 -14.46 2.07 26.44
CA TYR A 474 -15.88 1.88 26.17
C TYR A 474 -16.30 0.47 26.55
N PHE A 475 -17.61 0.26 26.65
CA PHE A 475 -18.17 -1.07 26.95
C PHE A 475 -19.67 -1.14 26.69
N GLY A 476 -20.15 -2.36 26.51
CA GLY A 476 -21.57 -2.63 26.35
C GLY A 476 -22.16 -2.39 24.98
N GLU A 477 -21.31 -2.22 23.97
CA GLU A 477 -21.77 -1.93 22.60
C GLU A 477 -22.75 -2.95 22.00
N ARG A 478 -22.61 -4.22 22.39
CA ARG A 478 -23.50 -5.30 21.91
C ARG A 478 -24.98 -5.06 22.17
N ALA A 479 -25.30 -4.38 23.26
CA ALA A 479 -26.69 -4.01 23.58
C ALA A 479 -27.38 -3.14 22.53
N LEU A 480 -26.61 -2.48 21.66
CA LEU A 480 -27.17 -1.70 20.56
C LEU A 480 -27.72 -2.59 19.42
N LEU A 481 -27.14 -3.79 19.27
CA LEU A 481 -27.51 -4.73 18.20
C LEU A 481 -28.38 -5.91 18.65
N TYR A 482 -28.26 -6.31 19.92
CA TYR A 482 -28.91 -7.51 20.42
C TYR A 482 -29.63 -7.28 21.73
N ASP A 483 -30.65 -8.11 21.93
CA ASP A 483 -31.37 -8.20 23.19
CA ASP A 483 -31.36 -8.19 23.21
C ASP A 483 -30.90 -9.47 23.90
N GLU A 484 -29.94 -9.32 24.81
CA GLU A 484 -29.30 -10.47 25.46
C GLU A 484 -28.80 -10.14 26.88
N PRO A 485 -28.52 -11.18 27.69
CA PRO A 485 -27.97 -10.94 29.02
C PRO A 485 -26.54 -10.41 28.97
N ARG A 486 -26.22 -9.44 29.84
CA ARG A 486 -24.87 -8.93 29.96
C ARG A 486 -23.99 -10.04 30.50
N THR A 487 -22.88 -10.31 29.82
CA THR A 487 -21.99 -11.41 30.21
C THR A 487 -21.05 -11.03 31.36
N ALA A 488 -20.92 -9.74 31.65
CA ALA A 488 -20.09 -9.24 32.75
C ALA A 488 -20.77 -8.07 33.48
N SER A 489 -20.22 -7.73 34.64
CA SER A 489 -20.68 -6.61 35.45
C SER A 489 -19.65 -5.47 35.40
N ILE A 490 -20.12 -4.24 35.58
CA ILE A 490 -19.25 -3.05 35.53
C ILE A 490 -19.45 -2.25 36.83
N ILE A 491 -18.53 -2.43 37.78
CA ILE A 491 -18.58 -1.75 39.07
C ILE A 491 -17.72 -0.49 39.01
N SER A 492 -18.28 0.63 39.47
CA SER A 492 -17.50 1.87 39.60
C SER A 492 -16.43 1.64 40.68
N LYS A 493 -15.16 1.74 40.27
CA LYS A 493 -14.02 1.43 41.14
C LYS A 493 -13.16 2.70 41.39
N ALA A 494 -13.83 3.85 41.46
CA ALA A 494 -13.16 5.13 41.71
C ALA A 494 -14.13 6.16 42.30
N THR A 495 -13.55 7.30 42.70
CA THR A 495 -14.32 8.45 43.18
C THR A 495 -15.05 9.16 42.04
N SER A 496 -16.39 9.11 42.08
CA SER A 496 -17.24 9.91 41.18
C SER A 496 -16.89 9.74 39.68
N VAL A 497 -17.26 8.59 39.10
CA VAL A 497 -16.97 8.32 37.68
C VAL A 497 -18.09 8.82 36.77
N GLU A 498 -17.70 9.35 35.61
CA GLU A 498 -18.66 9.89 34.64
C GLU A 498 -18.55 9.11 33.34
N CYS A 499 -19.71 8.72 32.79
CA CYS A 499 -19.79 8.03 31.51
C CYS A 499 -20.67 8.82 30.55
N TRP A 500 -20.24 8.93 29.30
CA TRP A 500 -21.15 9.28 28.20
C TRP A 500 -21.93 8.00 27.86
N PHE A 501 -23.20 8.15 27.49
CA PHE A 501 -23.96 6.99 27.04
C PHE A 501 -24.96 7.33 25.93
N VAL A 502 -25.27 6.31 25.13
CA VAL A 502 -26.28 6.43 24.09
C VAL A 502 -27.24 5.24 24.22
N ASP A 503 -28.54 5.53 24.12
CA ASP A 503 -29.60 4.51 24.16
C ASP A 503 -29.74 3.81 22.81
N LYS A 504 -30.11 2.53 22.89
CA LYS A 504 -30.45 1.72 21.72
C LYS A 504 -31.54 2.36 20.87
N SER A 505 -32.58 2.90 21.50
CA SER A 505 -33.64 3.61 20.80
C SER A 505 -33.15 4.75 19.91
N VAL A 506 -32.11 5.45 20.35
CA VAL A 506 -31.53 6.55 19.59
C VAL A 506 -30.70 6.01 18.44
N PHE A 507 -29.88 4.99 18.72
CA PHE A 507 -29.09 4.29 17.71
C PHE A 507 -29.96 3.76 16.55
N LEU A 508 -31.09 3.14 16.87
CA LEU A 508 -32.01 2.61 15.86
C LEU A 508 -32.75 3.68 15.03
N GLN A 509 -32.92 4.88 15.60
CA GLN A 509 -33.42 6.04 14.83
C GLN A 509 -32.39 6.59 13.82
N ILE A 510 -31.11 6.32 14.04
CA ILE A 510 -30.02 6.88 13.23
C ILE A 510 -29.58 5.89 12.16
N ILE A 511 -29.30 4.65 12.56
CA ILE A 511 -28.86 3.61 11.64
CA ILE A 511 -28.86 3.61 11.64
C ILE A 511 -30.07 3.04 10.88
N GLN A 512 -29.89 2.80 9.58
CA GLN A 512 -30.97 2.28 8.72
C GLN A 512 -30.82 0.77 8.53
N GLY A 513 -31.87 0.14 8.00
CA GLY A 513 -31.95 -1.33 7.88
C GLY A 513 -30.75 -2.08 7.32
N PRO A 514 -30.27 -1.70 6.10
CA PRO A 514 -29.16 -2.40 5.46
C PRO A 514 -27.85 -2.45 6.28
N MET A 515 -27.42 -1.31 6.82
CA MET A 515 -26.25 -1.28 7.71
C MET A 515 -26.50 -2.07 9.00
N LEU A 516 -27.67 -1.90 9.60
CA LEU A 516 -28.04 -2.67 10.81
C LEU A 516 -28.01 -4.18 10.57
N THR A 517 -28.51 -4.63 9.43
CA THR A 517 -28.50 -6.05 9.09
C THR A 517 -27.06 -6.54 8.95
N HIS A 518 -26.21 -5.76 8.29
CA HIS A 518 -24.79 -6.08 8.18
C HIS A 518 -24.14 -6.26 9.55
N LEU A 519 -24.35 -5.32 10.46
CA LEU A 519 -23.76 -5.39 11.79
C LEU A 519 -24.32 -6.55 12.62
N GLU A 520 -25.65 -6.71 12.64
CA GLU A 520 -26.33 -7.82 13.35
C GLU A 520 -25.72 -9.16 12.99
N GLU A 521 -25.60 -9.41 11.69
CA GLU A 521 -25.11 -10.69 11.17
C GLU A 521 -23.61 -10.89 11.36
N ARG A 522 -22.84 -9.81 11.38
CA ARG A 522 -21.38 -9.87 11.44
C ARG A 522 -20.85 -10.09 12.84
N ILE A 523 -21.39 -9.36 13.82
CA ILE A 523 -20.91 -9.48 15.20
C ILE A 523 -21.35 -10.82 15.79
N LYS A 524 -22.53 -11.32 15.40
CA LYS A 524 -23.02 -12.64 15.84
C LYS A 524 -22.06 -13.80 15.59
N MET A 525 -21.41 -13.81 14.42
CA MET A 525 -20.61 -14.97 13.98
C MET A 525 -19.27 -15.22 14.72
N GLN A 526 -18.81 -14.24 15.51
CA GLN A 526 -17.72 -14.47 16.49
C GLN A 526 -18.20 -15.24 17.74
N ASP A 527 -19.48 -15.13 18.09
CA ASP A 527 -20.04 -15.74 19.31
C ASP A 527 -20.13 -17.26 19.20
N THR A 528 -20.56 -17.71 18.02
CA THR A 528 -20.68 -19.13 17.71
C THR A 528 -19.30 -19.79 17.62
N LYS A 529 -18.80 -20.25 18.76
CA LYS A 529 -17.52 -20.97 18.80
C LYS A 529 -17.75 -22.38 18.30
N VAL A 530 -17.78 -22.54 16.97
CA VAL A 530 -18.23 -23.79 16.35
C VAL A 530 -17.15 -24.88 16.43
N GLU A 531 -17.56 -26.11 16.12
CA GLU A 531 -16.65 -27.25 15.96
C GLU A 531 -17.01 -27.97 14.66
N MET A 532 -16.05 -28.69 14.09
CA MET A 532 -16.24 -29.39 12.81
C MET A 532 -17.44 -30.35 12.85
N HIS A 533 -17.55 -31.13 13.93
CA HIS A 533 -18.65 -32.09 14.12
C HIS A 533 -20.06 -31.49 14.22
N GLU A 534 -20.15 -30.18 14.45
CA GLU A 534 -21.43 -29.46 14.47
C GLU A 534 -21.86 -28.93 13.08
N LEU A 535 -21.04 -29.11 12.06
CA LEU A 535 -21.34 -28.62 10.70
C LEU A 535 -21.84 -29.75 9.80
N GLU A 536 -22.89 -29.46 9.03
CA GLU A 536 -23.47 -30.41 8.06
C GLU A 536 -23.46 -29.76 6.68
N THR A 537 -22.84 -30.42 5.69
CA THR A 537 -22.71 -29.87 4.34
C THR A 537 -24.02 -29.98 3.54
N GLU A 538 -24.61 -28.83 3.19
CA GLU A 538 -25.82 -28.78 2.35
C GLU A 538 -25.49 -29.15 0.91
N ARG A 539 -24.57 -28.39 0.31
CA ARG A 539 -24.19 -28.56 -1.10
C ARG A 539 -22.77 -28.05 -1.34
N ILE A 540 -22.25 -28.32 -2.53
CA ILE A 540 -20.96 -27.77 -2.97
C ILE A 540 -21.23 -26.43 -3.68
N ILE A 541 -20.39 -25.44 -3.43
CA ILE A 541 -20.51 -24.10 -4.07
C ILE A 541 -19.24 -23.60 -4.78
N GLY A 542 -18.21 -24.43 -4.87
CA GLY A 542 -16.96 -24.09 -5.58
C GLY A 542 -16.03 -25.27 -5.73
N ARG A 543 -15.17 -25.21 -6.75
CA ARG A 543 -14.17 -26.26 -7.03
C ARG A 543 -12.82 -25.65 -7.43
N GLY A 544 -11.78 -26.49 -7.45
CA GLY A 544 -10.42 -26.06 -7.82
C GLY A 544 -9.59 -27.19 -8.40
N PHE A 546 -6.76 -26.76 -6.59
CA PHE A 546 -6.59 -26.39 -5.19
C PHE A 546 -7.43 -27.27 -4.26
N GLY A 547 -8.75 -27.09 -4.28
CA GLY A 547 -9.65 -27.83 -3.40
C GLY A 547 -11.13 -27.65 -3.72
N THR A 548 -11.95 -27.50 -2.66
CA THR A 548 -13.42 -27.41 -2.79
C THR A 548 -14.06 -26.58 -1.66
N VAL A 549 -15.13 -25.87 -2.00
CA VAL A 549 -15.84 -25.00 -1.05
C VAL A 549 -17.26 -25.54 -0.85
N LYS A 550 -17.59 -25.82 0.42
CA LYS A 550 -18.88 -26.39 0.80
C LYS A 550 -19.72 -25.38 1.59
N LEU A 551 -21.01 -25.32 1.30
CA LEU A 551 -21.98 -24.56 2.08
C LEU A 551 -22.37 -25.43 3.27
N VAL A 552 -22.17 -24.92 4.49
CA VAL A 552 -22.39 -25.68 5.72
C VAL A 552 -23.40 -25.02 6.65
N HIS A 553 -24.10 -25.85 7.43
CA HIS A 553 -25.20 -25.44 8.28
C HIS A 553 -24.86 -25.82 9.72
N HIS A 554 -24.65 -24.81 10.58
CA HIS A 554 -24.30 -25.03 11.98
C HIS A 554 -25.53 -25.38 12.80
N LYS A 555 -25.55 -26.58 13.38
CA LYS A 555 -26.75 -27.13 14.05
C LYS A 555 -27.25 -26.34 15.27
N PRO A 556 -26.36 -26.00 16.23
CA PRO A 556 -26.77 -25.24 17.42
C PRO A 556 -27.45 -23.88 17.16
N THR A 557 -26.89 -23.09 16.25
CA THR A 557 -27.36 -21.72 15.97
C THR A 557 -28.16 -21.54 14.68
N GLN A 558 -28.11 -22.53 13.78
CA GLN A 558 -28.74 -22.47 12.45
C GLN A 558 -28.19 -21.39 11.52
N ILE A 559 -27.02 -20.84 11.85
CA ILE A 559 -26.36 -19.85 11.00
C ILE A 559 -25.63 -20.63 9.91
N ARG A 560 -25.66 -20.11 8.69
CA ARG A 560 -25.08 -20.78 7.53
C ARG A 560 -23.75 -20.14 7.17
N TYR A 561 -22.73 -20.98 6.94
CA TYR A 561 -21.36 -20.56 6.65
C TYR A 561 -20.85 -21.17 5.34
N ALA A 562 -19.67 -20.71 4.92
CA ALA A 562 -18.93 -21.31 3.82
C ALA A 562 -17.69 -22.00 4.40
N LEU A 563 -17.35 -23.16 3.85
CA LEU A 563 -16.18 -23.92 4.30
C LEU A 563 -15.29 -24.31 3.12
N LYS A 564 -14.19 -23.58 2.94
CA LYS A 564 -13.17 -23.92 1.94
C LYS A 564 -12.36 -25.13 2.43
N CYS A 565 -11.96 -26.02 1.52
CA CYS A 565 -11.24 -27.25 1.87
C CYS A 565 -9.94 -27.37 1.07
N VAL A 566 -8.84 -26.85 1.64
CA VAL A 566 -7.53 -26.93 1.00
C VAL A 566 -6.92 -28.29 1.31
N SER A 567 -6.57 -29.04 0.25
CA SER A 567 -5.99 -30.37 0.39
C SER A 567 -4.49 -30.29 0.71
N LYS A 568 -4.03 -31.16 1.62
CA LYS A 568 -2.61 -31.21 2.02
C LYS A 568 -1.70 -31.56 0.85
N ARG A 569 -2.07 -32.60 0.10
CA ARG A 569 -1.30 -33.06 -1.07
C ARG A 569 -1.22 -32.04 -2.21
N SER A 570 -2.20 -31.14 -2.30
CA SER A 570 -2.17 -30.03 -3.25
C SER A 570 -1.10 -29.00 -2.85
N ILE A 571 -1.14 -28.57 -1.58
CA ILE A 571 -0.21 -27.56 -1.05
C ILE A 571 1.25 -28.04 -1.00
N ILE A 572 1.46 -29.29 -0.58
CA ILE A 572 2.80 -29.89 -0.54
C ILE A 572 3.39 -30.16 -1.94
N SER A 573 2.55 -30.25 -2.98
CA SER A 573 3.00 -30.53 -4.35
C SER A 573 3.76 -29.37 -4.99
N LEU A 574 3.23 -28.14 -4.85
CA LEU A 574 3.86 -26.93 -5.36
C LEU A 574 4.79 -26.22 -4.34
N ASN A 575 5.07 -26.88 -3.21
CA ASN A 575 5.93 -26.36 -2.13
C ASN A 575 5.35 -25.13 -1.40
N GLN A 576 4.05 -24.89 -1.50
CA GLN A 576 3.39 -23.81 -0.74
C GLN A 576 3.21 -24.29 0.69
N GLN A 577 4.31 -24.22 1.45
CA GLN A 577 4.35 -24.59 2.86
C GLN A 577 4.31 -23.31 3.69
N ASN A 578 5.27 -22.43 3.42
CA ASN A 578 5.31 -21.11 4.06
C ASN A 578 4.20 -20.15 3.61
N ASN A 579 3.58 -20.41 2.46
CA ASN A 579 2.53 -19.54 1.92
C ASN A 579 1.14 -19.73 2.54
N ILE A 580 0.79 -20.97 2.88
CA ILE A 580 -0.52 -21.26 3.50
C ILE A 580 -0.65 -20.65 4.91
N LYS A 581 0.44 -20.67 5.68
CA LYS A 581 0.47 -20.04 7.01
C LYS A 581 0.41 -18.50 6.93
N LEU A 582 1.13 -17.92 5.97
CA LEU A 582 1.06 -16.47 5.70
C LEU A 582 -0.31 -16.06 5.15
N GLU A 583 -0.97 -16.95 4.42
CA GLU A 583 -2.34 -16.72 3.93
C GLU A 583 -3.36 -16.71 5.06
N ARG A 584 -3.24 -17.66 5.99
CA ARG A 584 -4.10 -17.74 7.16
C ARG A 584 -4.00 -16.46 7.99
N GLU A 585 -2.78 -16.01 8.21
CA GLU A 585 -2.50 -14.76 8.95
C GLU A 585 -3.21 -13.56 8.33
N ILE A 586 -3.04 -13.34 7.03
CA ILE A 586 -3.69 -12.22 6.33
C ILE A 586 -5.21 -12.35 6.37
N THR A 587 -5.70 -13.54 6.04
CA THR A 587 -7.14 -13.81 5.97
C THR A 587 -7.85 -13.64 7.33
N ALA A 588 -7.18 -14.01 8.41
CA ALA A 588 -7.73 -13.86 9.77
C ALA A 588 -7.78 -12.41 10.24
N GLU A 589 -6.75 -11.63 9.88
CA GLU A 589 -6.65 -10.23 10.30
C GLU A 589 -7.59 -9.27 9.57
N ASN A 590 -8.15 -9.69 8.43
CA ASN A 590 -9.02 -8.79 7.65
C ASN A 590 -10.34 -8.52 8.38
N ASP A 591 -10.61 -7.24 8.65
CA ASP A 591 -11.82 -6.81 9.36
C ASP A 591 -12.34 -5.54 8.70
N HIS A 592 -12.79 -5.69 7.46
CA HIS A 592 -13.36 -4.61 6.65
C HIS A 592 -14.70 -5.09 6.06
N PRO A 593 -15.69 -4.18 5.86
CA PRO A 593 -17.01 -4.64 5.39
C PRO A 593 -17.07 -5.22 3.98
N PHE A 594 -16.20 -4.74 3.11
CA PHE A 594 -16.04 -5.27 1.76
C PHE A 594 -14.92 -6.30 1.59
N ILE A 595 -14.50 -6.97 2.68
CA ILE A 595 -13.57 -8.09 2.60
C ILE A 595 -14.15 -9.28 3.37
N ILE A 596 -13.98 -10.47 2.82
CA ILE A 596 -14.50 -11.69 3.42
C ILE A 596 -13.98 -11.80 4.86
N ARG A 597 -14.89 -12.16 5.77
CA ARG A 597 -14.56 -12.25 7.18
C ARG A 597 -14.38 -13.71 7.55
N LEU A 598 -13.17 -14.05 8.01
CA LEU A 598 -12.88 -15.38 8.52
C LEU A 598 -13.50 -15.54 9.91
N VAL A 599 -13.97 -16.76 10.19
CA VAL A 599 -14.54 -17.13 11.48
C VAL A 599 -13.51 -17.90 12.29
N ARG A 600 -13.03 -19.01 11.71
CA ARG A 600 -12.04 -19.88 12.35
CA ARG A 600 -12.02 -19.86 12.34
C ARG A 600 -11.39 -20.78 11.29
N THR A 601 -10.39 -21.56 11.70
CA THR A 601 -9.77 -22.57 10.85
C THR A 601 -9.75 -23.94 11.54
N PHE A 602 -9.53 -24.99 10.73
CA PHE A 602 -9.43 -26.38 11.18
CA PHE A 602 -9.40 -26.37 11.21
C PHE A 602 -8.32 -27.08 10.39
N LYS A 603 -7.88 -28.25 10.89
CA LYS A 603 -6.91 -29.10 10.18
C LYS A 603 -7.10 -30.58 10.49
N ASP A 604 -6.57 -31.45 9.62
CA ASP A 604 -6.47 -32.89 9.90
C ASP A 604 -5.39 -33.56 9.05
N CYS A 607 -6.01 -32.17 5.64
CA CYS A 607 -6.45 -31.05 4.80
C CYS A 607 -6.86 -29.81 5.63
N PHE A 608 -6.38 -28.63 5.22
CA PHE A 608 -6.68 -27.37 5.91
C PHE A 608 -8.09 -26.85 5.56
N TYR A 609 -8.66 -26.06 6.46
CA TYR A 609 -10.00 -25.50 6.28
C TYR A 609 -10.07 -24.02 6.66
N PHE A 610 -10.77 -23.24 5.85
CA PHE A 610 -11.15 -21.87 6.17
C PHE A 610 -12.66 -21.79 6.33
N LEU A 611 -13.13 -21.44 7.52
CA LEU A 611 -14.55 -21.18 7.76
C LEU A 611 -14.79 -19.68 7.71
N THR A 612 -15.59 -19.25 6.73
CA THR A 612 -15.90 -17.83 6.52
C THR A 612 -17.40 -17.62 6.48
N GLU A 613 -17.81 -16.35 6.51
CA GLU A 613 -19.20 -15.96 6.24
C GLU A 613 -19.64 -16.44 4.86
N LEU A 614 -20.93 -16.73 4.72
CA LEU A 614 -21.51 -17.18 3.46
C LEU A 614 -21.91 -15.97 2.63
N VAL A 615 -21.36 -15.87 1.42
CA VAL A 615 -21.67 -14.78 0.50
C VAL A 615 -22.53 -15.38 -0.60
N THR A 616 -23.75 -14.84 -0.77
CA THR A 616 -24.80 -15.51 -1.55
C THR A 616 -25.18 -14.87 -2.88
N GLY A 617 -24.57 -13.75 -3.25
CA GLY A 617 -24.94 -13.03 -4.49
C GLY A 617 -24.07 -13.30 -5.71
N GLY A 618 -23.18 -14.31 -5.65
CA GLY A 618 -22.36 -14.73 -6.79
C GLY A 618 -21.17 -13.82 -7.09
N GLU A 619 -20.43 -14.13 -8.15
CA GLU A 619 -19.24 -13.36 -8.53
C GLU A 619 -19.56 -12.08 -9.29
N LEU A 620 -18.67 -11.11 -9.16
CA LEU A 620 -18.73 -9.86 -9.93
C LEU A 620 -18.44 -10.11 -11.42
N TYR A 621 -17.64 -11.15 -11.69
CA TYR A 621 -17.40 -11.64 -13.06
C TYR A 621 -18.73 -11.83 -13.79
N ASP A 622 -19.67 -12.54 -13.16
CA ASP A 622 -20.97 -12.79 -13.75
C ASP A 622 -21.89 -11.57 -13.73
N ALA A 623 -21.79 -10.74 -12.69
CA ALA A 623 -22.66 -9.57 -12.54
C ALA A 623 -22.45 -8.55 -13.67
N ILE A 624 -21.20 -8.23 -13.97
CA ILE A 624 -20.91 -7.28 -15.05
C ILE A 624 -21.37 -7.85 -16.40
N ARG A 625 -21.27 -9.17 -16.55
CA ARG A 625 -21.75 -9.84 -17.75
C ARG A 625 -23.27 -9.86 -17.86
N LYS A 626 -23.97 -9.85 -16.72
CA LYS A 626 -25.42 -9.63 -16.72
C LYS A 626 -25.78 -8.18 -17.07
N LEU A 627 -25.00 -7.24 -16.58
CA LEU A 627 -25.26 -5.82 -16.80
C LEU A 627 -24.82 -5.33 -18.18
N GLY A 628 -23.80 -5.97 -18.75
CA GLY A 628 -23.18 -5.53 -20.00
C GLY A 628 -22.12 -4.47 -19.71
N LEU A 629 -22.13 -3.40 -20.49
CA LEU A 629 -21.27 -2.26 -20.24
C LEU A 629 -21.89 -1.45 -19.11
N LEU A 630 -21.11 -1.19 -18.07
CA LEU A 630 -21.63 -0.45 -16.92
C LEU A 630 -21.71 1.04 -17.21
N SER A 631 -22.75 1.69 -16.70
CA SER A 631 -22.86 3.14 -16.72
C SER A 631 -21.92 3.74 -15.67
N LYS A 632 -21.76 5.07 -15.67
CA LYS A 632 -20.86 5.72 -14.71
C LYS A 632 -21.24 5.39 -13.24
N PRO A 633 -22.52 5.56 -12.85
CA PRO A 633 -22.89 5.24 -11.47
C PRO A 633 -22.59 3.80 -11.07
N GLN A 634 -22.79 2.86 -11.98
CA GLN A 634 -22.53 1.46 -11.69
C GLN A 634 -21.04 1.18 -11.56
N ALA A 635 -20.24 1.73 -12.47
CA ALA A 635 -18.78 1.60 -12.37
C ALA A 635 -18.21 2.30 -11.12
N GLN A 636 -18.74 3.49 -10.79
CA GLN A 636 -18.36 4.18 -9.56
C GLN A 636 -18.57 3.29 -8.34
N PHE A 637 -19.75 2.67 -8.25
CA PHE A 637 -20.11 1.83 -7.11
C PHE A 637 -19.14 0.69 -6.93
N TYR A 638 -18.95 -0.13 -7.98
CA TYR A 638 -18.13 -1.34 -7.88
C TYR A 638 -16.65 -1.01 -7.73
N LEU A 639 -16.14 -0.07 -8.53
CA LEU A 639 -14.73 0.32 -8.45
C LEU A 639 -14.45 1.03 -7.12
N GLY A 640 -15.36 1.92 -6.74
CA GLY A 640 -15.35 2.55 -5.42
C GLY A 640 -15.25 1.55 -4.29
N SER A 641 -16.06 0.48 -4.35
CA SER A 641 -16.06 -0.56 -3.34
C SER A 641 -14.71 -1.29 -3.30
N ILE A 642 -14.19 -1.63 -4.48
CA ILE A 642 -12.90 -2.31 -4.57
C ILE A 642 -11.80 -1.42 -4.00
N ILE A 643 -11.89 -0.12 -4.29
CA ILE A 643 -10.91 0.86 -3.81
C ILE A 643 -10.80 0.83 -2.29
N LEU A 644 -11.94 0.85 -1.60
CA LEU A 644 -11.94 0.82 -0.12
C LEU A 644 -11.32 -0.46 0.44
N ALA A 645 -11.61 -1.59 -0.17
CA ALA A 645 -11.00 -2.86 0.25
C ALA A 645 -9.49 -2.88 0.04
N ILE A 646 -9.06 -2.39 -1.13
CA ILE A 646 -7.63 -2.36 -1.47
C ILE A 646 -6.87 -1.33 -0.63
N GLU A 647 -7.48 -0.16 -0.43
CA GLU A 647 -6.92 0.88 0.46
C GLU A 647 -6.68 0.33 1.87
N TYR A 648 -7.68 -0.36 2.41
CA TYR A 648 -7.60 -1.01 3.72
C TYR A 648 -6.38 -1.93 3.81
N LEU A 649 -6.18 -2.75 2.78
CA LEU A 649 -5.05 -3.68 2.75
C LEU A 649 -3.70 -2.98 2.64
N HIS A 650 -3.65 -1.94 1.82
CA HIS A 650 -2.41 -1.15 1.63
C HIS A 650 -1.99 -0.42 2.92
N GLU A 651 -2.97 0.06 3.68
CA GLU A 651 -2.72 0.65 5.00
C GLU A 651 -2.11 -0.32 6.00
N ARG A 652 -2.40 -1.62 5.83
CA ARG A 652 -1.80 -2.68 6.65
C ARG A 652 -0.59 -3.35 5.97
N ASN A 653 -0.01 -2.68 4.96
CA ASN A 653 1.14 -3.18 4.21
C ASN A 653 0.93 -4.53 3.53
N ILE A 654 -0.27 -4.74 3.02
CA ILE A 654 -0.62 -5.96 2.31
C ILE A 654 -0.85 -5.60 0.84
N VAL A 655 -0.07 -6.22 -0.03
CA VAL A 655 -0.33 -6.13 -1.48
C VAL A 655 -1.15 -7.37 -1.86
N TYR A 656 -2.26 -7.14 -2.57
CA TYR A 656 -3.21 -8.21 -2.92
C TYR A 656 -2.69 -9.09 -4.07
N ARG A 657 -2.29 -8.45 -5.16
CA ARG A 657 -1.58 -9.07 -6.30
C ARG A 657 -2.40 -9.87 -7.31
N ASP A 658 -3.65 -10.19 -7.00
CA ASP A 658 -4.48 -10.97 -7.89
C ASP A 658 -5.87 -10.35 -8.04
N LEU A 659 -5.94 -9.03 -8.18
CA LEU A 659 -7.22 -8.36 -8.32
C LEU A 659 -7.83 -8.64 -9.70
N LYS A 660 -9.01 -9.25 -9.70
CA LYS A 660 -9.81 -9.48 -10.90
C LYS A 660 -11.26 -9.72 -10.49
N PRO A 661 -12.24 -9.50 -11.40
CA PRO A 661 -13.64 -9.71 -11.03
C PRO A 661 -13.95 -11.10 -10.45
N GLU A 662 -13.25 -12.15 -10.88
CA GLU A 662 -13.42 -13.51 -10.32
C GLU A 662 -13.24 -13.56 -8.81
N ASN A 663 -12.30 -12.77 -8.30
CA ASN A 663 -11.99 -12.74 -6.88
C ASN A 663 -12.83 -11.74 -6.06
N ILE A 664 -13.96 -11.29 -6.60
CA ILE A 664 -14.88 -10.40 -5.88
C ILE A 664 -16.29 -10.97 -5.91
N LEU A 665 -16.80 -11.37 -4.74
CA LEU A 665 -18.18 -11.84 -4.60
C LEU A 665 -19.11 -10.69 -4.27
N LEU A 666 -20.41 -10.90 -4.48
CA LEU A 666 -21.45 -9.95 -4.08
C LEU A 666 -22.30 -10.57 -2.99
N ASP A 667 -22.59 -9.79 -1.95
CA ASP A 667 -23.38 -10.28 -0.81
C ASP A 667 -24.89 -10.22 -1.10
N LYS A 668 -25.71 -10.57 -0.11
CA LYS A 668 -27.17 -10.57 -0.24
C LYS A 668 -27.77 -9.21 -0.60
N GLN A 669 -27.11 -8.13 -0.20
CA GLN A 669 -27.60 -6.76 -0.43
C GLN A 669 -27.03 -6.14 -1.71
N GLY A 670 -26.07 -6.80 -2.34
CA GLY A 670 -25.44 -6.32 -3.58
C GLY A 670 -24.11 -5.62 -3.41
N TYR A 671 -23.57 -5.64 -2.19
CA TYR A 671 -22.27 -5.03 -1.85
C TYR A 671 -21.19 -6.09 -1.97
N VAL A 672 -19.95 -5.65 -2.25
CA VAL A 672 -18.89 -6.55 -2.68
C VAL A 672 -18.13 -7.17 -1.52
N LYS A 673 -17.52 -8.33 -1.78
CA LYS A 673 -16.64 -9.00 -0.83
C LYS A 673 -15.42 -9.49 -1.59
N LEU A 674 -14.24 -8.99 -1.22
CA LEU A 674 -12.98 -9.47 -1.79
C LEU A 674 -12.63 -10.82 -1.15
N ILE A 675 -12.28 -11.81 -1.98
CA ILE A 675 -11.94 -13.17 -1.53
C ILE A 675 -10.59 -13.62 -2.09
N ASP A 676 -10.16 -14.83 -1.73
CA ASP A 676 -8.96 -15.49 -2.32
C ASP A 676 -7.70 -14.66 -2.10
N PHE A 677 -7.11 -14.79 -0.91
CA PHE A 677 -5.88 -14.09 -0.54
C PHE A 677 -4.63 -14.97 -0.69
N GLY A 678 -4.69 -15.94 -1.61
CA GLY A 678 -3.57 -16.83 -1.88
C GLY A 678 -2.36 -16.12 -2.43
N CYS A 679 -2.61 -15.08 -3.24
CA CYS A 679 -1.53 -14.27 -3.83
C CYS A 679 -1.11 -13.06 -3.01
N ALA A 680 -1.90 -12.72 -1.99
CA ALA A 680 -1.63 -11.58 -1.13
C ALA A 680 -0.36 -11.79 -0.28
N LYS A 681 0.28 -10.68 0.07
CA LYS A 681 1.58 -10.73 0.77
C LYS A 681 1.80 -9.49 1.64
N LYS A 682 2.32 -9.70 2.85
CA LYS A 682 2.74 -8.60 3.73
C LYS A 682 4.04 -8.02 3.22
N ILE A 683 3.98 -6.80 2.72
CA ILE A 683 5.09 -6.22 1.98
C ILE A 683 6.14 -5.67 2.94
N GLN A 684 7.39 -6.04 2.71
CA GLN A 684 8.51 -5.52 3.48
C GLN A 684 9.62 -5.21 2.48
N GLY A 685 9.59 -3.97 1.98
CA GLY A 685 10.51 -3.51 0.94
C GLY A 685 9.92 -3.74 -0.43
N ARG A 686 10.77 -4.14 -1.37
CA ARG A 686 10.32 -4.42 -2.72
C ARG A 686 10.09 -5.92 -2.88
N ALA A 687 8.92 -6.27 -3.42
CA ALA A 687 8.63 -7.64 -3.87
C ALA A 687 9.16 -7.85 -5.30
N TYR A 688 9.68 -9.05 -5.57
CA TYR A 688 10.18 -9.43 -6.90
C TYR A 688 9.56 -10.67 -7.53
N THR A 689 8.94 -11.54 -6.73
CA THR A 689 8.34 -12.78 -7.23
C THR A 689 7.23 -12.48 -8.24
N LEU A 690 7.19 -13.26 -9.30
CA LEU A 690 6.20 -13.12 -10.35
C LEU A 690 4.95 -13.92 -9.98
N VAL A 691 3.91 -13.22 -9.52
CA VAL A 691 2.61 -13.85 -9.26
C VAL A 691 1.49 -12.97 -9.78
N GLY A 692 0.32 -13.59 -9.92
CA GLY A 692 -0.88 -12.92 -10.42
C GLY A 692 -1.45 -13.61 -11.65
N THR A 693 -2.47 -12.99 -12.21
CA THR A 693 -3.12 -13.46 -13.42
C THR A 693 -2.69 -12.53 -14.56
N PRO A 694 -1.99 -13.07 -15.59
CA PRO A 694 -1.34 -12.28 -16.63
C PRO A 694 -2.07 -11.05 -17.14
N HIS A 695 -3.35 -11.19 -17.48
CA HIS A 695 -4.13 -10.06 -18.03
C HIS A 695 -4.24 -8.85 -17.10
N TYR A 696 -4.17 -9.12 -15.79
CA TYR A 696 -4.26 -8.09 -14.75
C TYR A 696 -2.90 -7.64 -14.18
N MET A 697 -1.81 -8.29 -14.57
CA MET A 697 -0.51 -8.03 -13.98
C MET A 697 0.09 -6.72 -14.45
N ALA A 698 0.70 -5.99 -13.51
CA ALA A 698 1.28 -4.68 -13.77
C ALA A 698 2.63 -4.83 -14.47
N PRO A 699 2.98 -3.85 -15.34
CA PRO A 699 4.27 -3.86 -16.03
C PRO A 699 5.48 -4.07 -15.12
N GLU A 700 5.50 -3.41 -13.96
CA GLU A 700 6.64 -3.50 -13.04
C GLU A 700 6.87 -4.90 -12.47
N VAL A 701 5.81 -5.69 -12.36
CA VAL A 701 5.91 -7.08 -11.92
C VAL A 701 6.67 -7.89 -12.98
N ILE A 702 6.30 -7.67 -14.24
CA ILE A 702 6.86 -8.40 -15.39
C ILE A 702 8.34 -8.05 -15.59
N LEU A 703 8.68 -6.76 -15.47
CA LEU A 703 10.04 -6.28 -15.73
C LEU A 703 11.08 -6.65 -14.66
N GLY A 704 10.63 -7.14 -13.50
CA GLY A 704 11.51 -7.76 -12.52
C GLY A 704 12.48 -6.83 -11.79
N LYS A 705 12.19 -5.54 -11.79
CA LYS A 705 13.04 -4.52 -11.14
C LYS A 705 12.50 -4.05 -9.79
N GLY A 706 11.43 -4.67 -9.30
CA GLY A 706 10.87 -4.38 -7.98
C GLY A 706 9.48 -3.79 -8.06
N TYR A 707 8.62 -4.18 -7.13
CA TYR A 707 7.29 -3.61 -7.03
C TYR A 707 6.74 -3.66 -5.61
N GLY A 708 5.65 -2.93 -5.41
CA GLY A 708 4.93 -2.91 -4.15
C GLY A 708 3.42 -2.88 -4.36
N CYS A 709 2.73 -2.25 -3.40
CA CYS A 709 1.26 -2.13 -3.41
C CYS A 709 0.68 -1.44 -4.68
N THR A 710 1.50 -0.65 -5.38
CA THR A 710 1.11 0.04 -6.62
C THR A 710 0.53 -0.88 -7.72
N VAL A 711 0.90 -2.16 -7.69
CA VAL A 711 0.40 -3.12 -8.68
C VAL A 711 -1.13 -3.26 -8.65
N ASP A 712 -1.73 -3.21 -7.45
CA ASP A 712 -3.19 -3.35 -7.31
C ASP A 712 -3.94 -2.17 -7.92
N ILE A 713 -3.28 -1.01 -7.98
CA ILE A 713 -3.88 0.16 -8.60
C ILE A 713 -3.89 0.02 -10.13
N TRP A 714 -2.84 -0.58 -10.70
CA TRP A 714 -2.86 -0.95 -12.10
C TRP A 714 -4.04 -1.90 -12.38
N ALA A 715 -4.14 -2.96 -11.59
CA ALA A 715 -5.25 -3.92 -11.68
C ALA A 715 -6.61 -3.25 -11.60
N LEU A 716 -6.70 -2.25 -10.74
CA LEU A 716 -7.91 -1.43 -10.62
C LEU A 716 -8.26 -0.83 -11.99
N GLY A 717 -7.27 -0.25 -12.66
CA GLY A 717 -7.43 0.29 -14.02
C GLY A 717 -7.92 -0.72 -15.05
N VAL A 718 -7.38 -1.94 -14.97
CA VAL A 718 -7.82 -3.03 -15.85
C VAL A 718 -9.30 -3.33 -15.62
N CYS A 719 -9.71 -3.35 -14.35
CA CYS A 719 -11.11 -3.62 -13.99
C CYS A 719 -12.05 -2.54 -14.50
N LEU A 720 -11.66 -1.29 -14.32
CA LEU A 720 -12.46 -0.17 -14.79
C LEU A 720 -12.63 -0.24 -16.30
N TYR A 721 -11.55 -0.56 -17.00
CA TYR A 721 -11.58 -0.72 -18.45
C TYR A 721 -12.62 -1.79 -18.85
N GLU A 722 -12.51 -2.97 -18.27
CA GLU A 722 -13.52 -4.02 -18.45
C GLU A 722 -14.96 -3.54 -18.20
N PHE A 723 -15.16 -2.78 -17.11
CA PHE A 723 -16.49 -2.28 -16.73
C PHE A 723 -17.06 -1.32 -17.78
N ILE A 724 -16.26 -0.34 -18.21
CA ILE A 724 -16.73 0.73 -19.09
C ILE A 724 -16.65 0.30 -20.57
N CYS A 725 -15.50 -0.22 -20.97
CA CYS A 725 -15.24 -0.56 -22.38
C CYS A 725 -15.72 -1.96 -22.81
N GLY A 726 -15.56 -2.94 -21.92
CA GLY A 726 -16.01 -4.31 -22.18
C GLY A 726 -14.86 -5.30 -22.16
N PRO A 727 -14.07 -5.36 -23.25
CA PRO A 727 -12.92 -6.27 -23.28
C PRO A 727 -11.81 -5.82 -22.32
N LEU A 728 -10.76 -6.63 -22.19
CA LEU A 728 -9.57 -6.26 -21.47
C LEU A 728 -8.74 -5.26 -22.29
N PRO A 729 -8.02 -4.34 -21.61
CA PRO A 729 -7.22 -3.35 -22.33
C PRO A 729 -5.99 -3.93 -23.06
N PHE A 730 -5.43 -5.02 -22.54
CA PHE A 730 -4.23 -5.64 -23.10
C PHE A 730 -4.41 -7.14 -23.30
N GLY A 731 -4.01 -7.62 -24.47
CA GLY A 731 -4.00 -9.04 -24.74
C GLY A 731 -5.36 -9.69 -24.72
N ASN A 732 -6.39 -8.95 -25.11
CA ASN A 732 -7.76 -9.46 -25.03
C ASN A 732 -7.97 -10.72 -25.88
N ASP A 733 -7.48 -10.69 -27.11
CA ASP A 733 -7.55 -11.86 -27.98
C ASP A 733 -6.58 -12.96 -27.53
N GLN A 734 -5.44 -12.56 -26.97
CA GLN A 734 -4.29 -13.45 -26.74
C GLN A 734 -4.50 -14.52 -25.65
N GLU A 735 -3.93 -15.70 -25.90
CA GLU A 735 -3.87 -16.81 -24.95
C GLU A 735 -2.44 -17.11 -24.49
N ASP A 736 -1.49 -17.10 -25.43
CA ASP A 736 -0.05 -17.17 -25.13
C ASP A 736 0.36 -16.06 -24.15
N GLN A 737 1.03 -16.44 -23.06
CA GLN A 737 1.34 -15.51 -21.98
C GLN A 737 2.41 -14.48 -22.36
N LEU A 738 3.37 -14.90 -23.18
CA LEU A 738 4.36 -13.99 -23.72
C LEU A 738 3.72 -12.81 -24.45
N GLU A 739 2.73 -13.10 -25.29
CA GLU A 739 2.06 -12.07 -26.09
C GLU A 739 1.12 -11.20 -25.27
N ILE A 740 0.66 -11.70 -24.14
CA ILE A 740 -0.09 -10.86 -23.18
C ILE A 740 0.85 -9.86 -22.51
N PHE A 741 1.97 -10.35 -22.00
CA PHE A 741 2.97 -9.49 -21.36
C PHE A 741 3.51 -8.45 -22.34
N ARG A 742 3.77 -8.86 -23.58
CA ARG A 742 4.20 -7.94 -24.63
C ARG A 742 3.21 -6.78 -24.80
N ASP A 743 1.92 -7.12 -24.91
CA ASP A 743 0.89 -6.10 -25.09
C ASP A 743 0.80 -5.22 -23.84
N ILE A 744 0.93 -5.83 -22.65
CA ILE A 744 0.99 -5.08 -21.40
C ILE A 744 2.17 -4.10 -21.39
N LEU A 745 3.33 -4.54 -21.85
CA LEU A 745 4.54 -3.71 -21.76
C LEU A 745 4.61 -2.63 -22.85
N THR A 746 4.32 -3.00 -24.10
CA THR A 746 4.52 -2.09 -25.24
C THR A 746 3.30 -1.82 -26.12
N GLY A 747 2.18 -2.51 -25.89
CA GLY A 747 0.98 -2.31 -26.68
C GLY A 747 0.40 -0.93 -26.50
N GLN A 748 -0.41 -0.51 -27.46
CA GLN A 748 -1.09 0.78 -27.40
C GLN A 748 -2.40 0.63 -26.62
N LEU A 749 -2.65 1.55 -25.69
CA LEU A 749 -3.92 1.60 -24.99
C LEU A 749 -4.87 2.41 -25.84
N THR A 750 -5.99 1.80 -26.24
CA THR A 750 -7.02 2.49 -27.02
C THR A 750 -8.36 2.35 -26.31
N PHE A 751 -9.31 3.19 -26.73
CA PHE A 751 -10.66 3.18 -26.19
C PHE A 751 -11.64 3.23 -27.35
N PRO A 752 -12.69 2.40 -27.31
CA PRO A 752 -13.66 2.37 -28.41
C PRO A 752 -14.48 3.66 -28.57
N ASP A 753 -15.05 3.84 -29.75
CA ASP A 753 -15.82 5.04 -30.07
C ASP A 753 -17.10 5.25 -29.24
N TYR A 754 -17.67 4.18 -28.69
CA TYR A 754 -18.89 4.29 -27.86
C TYR A 754 -18.65 4.82 -26.42
N VAL A 755 -17.38 4.89 -25.98
CA VAL A 755 -17.03 5.45 -24.66
C VAL A 755 -17.07 6.97 -24.71
N SER A 756 -18.15 7.55 -24.21
CA SER A 756 -18.44 8.98 -24.37
C SER A 756 -17.94 9.85 -23.22
N ASP A 757 -17.38 9.27 -22.17
CA ASP A 757 -17.05 10.03 -20.96
C ASP A 757 -15.55 10.36 -20.84
N GLN A 758 -15.24 11.63 -21.10
CA GLN A 758 -13.88 12.15 -20.96
C GLN A 758 -13.21 11.77 -19.62
N ASP A 759 -13.92 11.92 -18.50
CA ASP A 759 -13.34 11.67 -17.17
C ASP A 759 -13.02 10.18 -16.94
N SER A 760 -13.90 9.30 -17.44
CA SER A 760 -13.68 7.85 -17.39
C SER A 760 -12.40 7.44 -18.09
N ILE A 761 -12.17 7.99 -19.28
CA ILE A 761 -10.99 7.70 -20.07
C ILE A 761 -9.75 8.25 -19.35
N ASN A 762 -9.83 9.51 -18.93
CA ASN A 762 -8.75 10.11 -18.14
C ASN A 762 -8.34 9.22 -16.98
N LEU A 763 -9.32 8.76 -16.20
CA LEU A 763 -9.03 7.92 -15.05
C LEU A 763 -8.41 6.59 -15.48
N MET A 764 -9.01 5.94 -16.48
CA MET A 764 -8.46 4.70 -17.04
C MET A 764 -7.02 4.86 -17.51
N LYS A 765 -6.74 5.91 -18.28
CA LYS A 765 -5.37 6.17 -18.75
C LYS A 765 -4.37 6.33 -17.61
N ARG A 766 -4.77 7.05 -16.57
CA ARG A 766 -3.87 7.33 -15.44
C ARG A 766 -3.73 6.17 -14.47
N LEU A 767 -4.78 5.37 -14.32
CA LEU A 767 -4.66 4.11 -13.59
C LEU A 767 -3.81 3.10 -14.37
N LEU A 768 -3.91 3.12 -15.70
CA LEU A 768 -3.09 2.25 -16.56
C LEU A 768 -1.79 2.92 -17.03
N CYS A 769 -1.25 3.86 -16.24
CA CYS A 769 0.07 4.43 -16.52
C CYS A 769 1.12 3.36 -16.23
N ARG A 770 2.03 3.14 -17.17
CA ARG A 770 2.97 2.02 -17.06
C ARG A 770 3.97 2.18 -15.93
N LEU A 771 4.60 3.35 -15.85
CA LEU A 771 5.54 3.65 -14.77
C LEU A 771 4.75 4.09 -13.54
N PRO A 772 4.89 3.37 -12.40
CA PRO A 772 4.18 3.68 -11.13
C PRO A 772 4.23 5.15 -10.63
N GLN A 773 5.35 5.81 -10.86
CA GLN A 773 5.59 7.19 -10.43
CA GLN A 773 5.54 7.19 -10.39
C GLN A 773 4.56 8.16 -11.03
N GLY A 774 4.14 7.89 -12.27
CA GLY A 774 3.14 8.71 -12.97
C GLY A 774 1.72 8.17 -12.88
N ARG A 775 1.50 7.20 -12.00
CA ARG A 775 0.22 6.51 -11.90
C ARG A 775 -0.61 7.15 -10.80
N ILE A 776 -1.86 7.49 -11.11
CA ILE A 776 -2.74 8.11 -10.15
C ILE A 776 -2.96 7.17 -8.97
N GLY A 777 -2.92 7.72 -7.76
CA GLY A 777 -3.01 6.93 -6.55
C GLY A 777 -1.70 6.40 -5.98
N CYS A 778 -0.56 6.67 -6.65
CA CYS A 778 0.74 6.14 -6.23
C CYS A 778 1.71 7.21 -5.71
N SER A 779 1.22 8.42 -5.51
CA SER A 779 1.99 9.48 -4.88
C SER A 779 1.73 9.44 -3.36
N ILE A 780 2.26 10.43 -2.65
CA ILE A 780 2.15 10.47 -1.19
C ILE A 780 0.70 10.58 -0.66
N ASN A 781 -0.19 11.17 -1.47
CA ASN A 781 -1.61 11.27 -1.13
C ASN A 781 -2.39 9.95 -1.22
N GLY A 782 -1.84 8.96 -1.92
CA GLY A 782 -2.46 7.64 -2.00
C GLY A 782 -3.77 7.67 -2.75
N PHE A 783 -4.77 6.99 -2.22
CA PHE A 783 -6.08 6.89 -2.88
C PHE A 783 -6.88 8.17 -2.92
N LYS A 784 -6.52 9.15 -2.09
CA LYS A 784 -7.15 10.48 -2.12
C LYS A 784 -7.25 11.02 -3.56
N ASP A 785 -6.19 10.86 -4.34
CA ASP A 785 -6.16 11.36 -5.71
C ASP A 785 -7.12 10.63 -6.65
N ILE A 786 -7.28 9.33 -6.43
CA ILE A 786 -8.28 8.54 -7.13
C ILE A 786 -9.69 8.95 -6.69
N LYS A 787 -9.92 9.03 -5.38
CA LYS A 787 -11.25 9.39 -4.84
C LYS A 787 -11.72 10.77 -5.23
N GLU A 788 -10.79 11.70 -5.41
CA GLU A 788 -11.10 13.08 -5.77
C GLU A 788 -11.04 13.37 -7.28
N HIS A 789 -10.74 12.34 -8.08
CA HIS A 789 -10.78 12.44 -9.56
C HIS A 789 -12.18 12.80 -10.03
N ALA A 790 -12.26 13.62 -11.09
CA ALA A 790 -13.56 14.09 -11.62
C ALA A 790 -14.57 12.99 -11.99
N PHE A 791 -14.07 11.82 -12.34
CA PHE A 791 -14.90 10.63 -12.54
C PHE A 791 -15.83 10.35 -11.37
N PHE A 792 -15.31 10.50 -10.15
CA PHE A 792 -16.09 10.35 -8.91
C PHE A 792 -16.75 11.64 -8.40
N GLY A 793 -16.78 12.70 -9.21
CA GLY A 793 -17.28 14.02 -8.77
C GLY A 793 -18.64 14.02 -8.11
N ASN A 794 -19.55 13.20 -8.61
CA ASN A 794 -20.91 13.12 -8.07
C ASN A 794 -21.12 11.90 -7.16
N PHE A 795 -20.06 11.40 -6.54
CA PHE A 795 -20.10 10.13 -5.83
C PHE A 795 -19.83 10.34 -4.36
N ASN A 796 -20.78 9.88 -3.54
CA ASN A 796 -20.70 10.03 -2.12
C ASN A 796 -20.00 8.81 -1.52
N TRP A 797 -18.70 8.94 -1.26
CA TRP A 797 -17.90 7.88 -0.64
C TRP A 797 -18.40 7.52 0.75
N ASP A 798 -18.93 8.53 1.42
CA ASP A 798 -19.43 8.39 2.78
C ASP A 798 -20.59 7.41 2.85
N LYS A 799 -21.50 7.51 1.89
CA LYS A 799 -22.64 6.61 1.75
C LYS A 799 -22.30 5.20 1.25
N LEU A 800 -21.17 5.04 0.57
CA LEU A 800 -20.76 3.72 0.09
C LEU A 800 -20.47 2.78 1.25
N ALA A 801 -19.49 3.13 2.07
CA ALA A 801 -19.13 2.32 3.24
C ALA A 801 -20.30 2.05 4.20
N GLY A 802 -21.20 3.03 4.35
CA GLY A 802 -22.37 2.88 5.22
C GLY A 802 -23.59 2.19 4.64
N ARG A 803 -23.47 1.68 3.42
CA ARG A 803 -24.57 1.00 2.73
C ARG A 803 -25.82 1.87 2.60
N LEU A 804 -25.65 3.08 2.09
CA LEU A 804 -26.76 3.99 1.84
C LEU A 804 -26.94 4.27 0.33
N LEU A 805 -26.28 3.48 -0.51
CA LEU A 805 -26.45 3.57 -1.97
C LEU A 805 -27.21 2.35 -2.50
N GLU A 806 -28.11 2.57 -3.46
CA GLU A 806 -28.70 1.45 -4.23
C GLU A 806 -27.57 0.85 -5.06
N PRO A 807 -27.25 -0.44 -4.84
CA PRO A 807 -26.20 -1.05 -5.66
C PRO A 807 -26.72 -1.37 -7.07
N PRO A 808 -25.80 -1.63 -8.02
CA PRO A 808 -26.19 -1.88 -9.41
C PRO A 808 -27.11 -3.08 -9.60
N LEU A 809 -26.85 -4.16 -8.85
CA LEU A 809 -27.58 -5.42 -9.00
C LEU A 809 -27.83 -6.08 -7.64
N VAL A 810 -29.08 -6.45 -7.38
CA VAL A 810 -29.46 -7.20 -6.17
C VAL A 810 -29.94 -8.58 -6.60
N SER A 811 -29.31 -9.61 -6.07
CA SER A 811 -29.59 -11.00 -6.46
C SER A 811 -30.96 -11.45 -5.96
N LYS A 812 -31.75 -12.06 -6.85
CA LYS A 812 -33.02 -12.68 -6.47
C LYS A 812 -32.71 -14.11 -6.03
N GLY A 813 -32.80 -14.37 -4.73
CA GLY A 813 -32.36 -15.65 -4.17
C GLY A 813 -30.85 -15.84 -4.20
N GLU A 814 -30.39 -17.02 -3.82
CA GLU A 814 -28.95 -17.33 -3.75
C GLU A 814 -28.42 -17.78 -5.11
N THR A 815 -27.13 -17.54 -5.36
CA THR A 815 -26.47 -17.92 -6.61
C THR A 815 -24.99 -18.27 -6.40
N TYR A 816 -24.59 -19.44 -6.87
CA TYR A 816 -23.20 -19.94 -6.75
C TYR A 816 -22.71 -20.52 -8.07
N ALA A 817 -21.39 -20.69 -8.19
CA ALA A 817 -20.78 -21.38 -9.35
C ALA A 817 -20.95 -22.89 -9.22
#